data_2GBB
#
_entry.id   2GBB
#
_cell.length_a   89.01
_cell.length_b   144.09
_cell.length_c   116.63
_cell.angle_alpha   90.00
_cell.angle_beta   90.00
_cell.angle_gamma   90.00
#
_symmetry.space_group_name_H-M   'C 2 2 21'
#
loop_
_entity.id
_entity.type
_entity.pdbx_description
1 polymer 'putative chorismate mutase'
2 non-polymer 'SULFATE ION'
3 non-polymer 'CITRIC ACID'
4 water water
#
_entity_poly.entity_id   1
_entity_poly.type   'polypeptide(L)'
_entity_poly.pdbx_seq_one_letter_code
;QQCGQTAPLINERLSY(MSE)KDVAGYKAENHLPIEDRIQEEKVINSA(MSE)AQAESLGLNGESIKPL(MSE)VAQINA
AKAIQYRYRADWLSQPEPGWQPKPLDDVRANIGELSTKILEQIAEELKTCKPAE(MSE)GDKAHFINTIRQHNLTSADVE
AIFSTFNQVKLK
;
_entity_poly.pdbx_strand_id   A,B,C,D
#
loop_
_chem_comp.id
_chem_comp.type
_chem_comp.name
_chem_comp.formula
CIT non-polymer 'CITRIC ACID' 'C6 H8 O7'
SO4 non-polymer 'SULFATE ION' 'O4 S -2'
#
# COMPACT_ATOMS: atom_id res chain seq x y z
N GLN A 1 -7.08 -17.74 -41.22
CA GLN A 1 -6.62 -17.82 -39.80
C GLN A 1 -6.28 -19.29 -39.44
N GLN A 2 -4.98 -19.58 -39.31
CA GLN A 2 -4.50 -20.92 -39.00
C GLN A 2 -3.58 -20.99 -37.75
N CYS A 3 -2.57 -20.12 -37.70
CA CYS A 3 -1.59 -20.15 -36.61
C CYS A 3 -1.69 -18.88 -35.77
N GLY A 4 -1.53 -19.04 -34.46
CA GLY A 4 -1.78 -17.96 -33.47
C GLY A 4 -3.25 -17.74 -33.12
N GLN A 5 -4.07 -18.77 -33.27
CA GLN A 5 -5.49 -18.63 -32.98
C GLN A 5 -6.01 -19.30 -31.67
N THR A 6 -5.10 -19.69 -30.77
CA THR A 6 -5.51 -20.38 -29.53
C THR A 6 -5.94 -19.41 -28.43
N ALA A 7 -5.14 -18.36 -28.22
CA ALA A 7 -5.42 -17.39 -27.17
C ALA A 7 -6.83 -16.83 -27.13
N PRO A 8 -7.44 -16.48 -28.30
CA PRO A 8 -8.82 -15.99 -28.33
C PRO A 8 -9.80 -16.97 -27.68
N LEU A 9 -9.54 -18.25 -27.88
CA LEU A 9 -10.36 -19.32 -27.29
C LEU A 9 -10.17 -19.41 -25.79
N ILE A 10 -8.93 -19.32 -25.34
CA ILE A 10 -8.62 -19.36 -23.92
C ILE A 10 -9.25 -18.16 -23.21
N ASN A 11 -9.11 -16.98 -23.83
CA ASN A 11 -9.82 -15.80 -23.37
C ASN A 11 -11.33 -15.95 -23.22
N GLU A 12 -12.01 -16.47 -24.24
CA GLU A 12 -13.46 -16.72 -24.19
C GLU A 12 -13.84 -17.74 -23.11
N ARG A 13 -13.05 -18.79 -22.94
CA ARG A 13 -13.29 -19.74 -21.82
C ARG A 13 -13.36 -18.97 -20.47
N LEU A 14 -12.37 -18.10 -20.25
CA LEU A 14 -12.24 -17.36 -18.99
C LEU A 14 -13.33 -16.27 -18.82
N SER A 15 -13.98 -15.84 -19.91
CA SER A 15 -15.11 -14.87 -19.81
C SER A 15 -16.36 -15.44 -19.08
N TYR A 16 -16.48 -16.74 -18.93
CA TYR A 16 -17.57 -17.39 -18.21
C TYR A 16 -17.39 -17.49 -16.70
N MSE A 17 -16.24 -17.11 -16.19
CA MSE A 17 -15.90 -17.43 -14.82
C MSE A 17 -16.56 -16.49 -13.80
O MSE A 17 -16.75 -16.84 -12.63
CB MSE A 17 -14.40 -17.47 -14.65
CG MSE A 17 -13.77 -18.59 -15.49
SE MSE A 17 -14.59 -20.32 -15.15
CE MSE A 17 -13.72 -21.20 -16.56
N LYS A 18 -16.92 -15.31 -14.28
CA LYS A 18 -17.75 -14.41 -13.47
C LYS A 18 -19.07 -15.11 -13.18
N ASP A 19 -19.70 -15.76 -14.17
CA ASP A 19 -20.94 -16.50 -13.88
C ASP A 19 -20.75 -17.62 -12.89
N VAL A 20 -19.62 -18.34 -12.99
CA VAL A 20 -19.36 -19.47 -12.07
C VAL A 20 -19.19 -18.91 -10.67
N ALA A 21 -18.44 -17.81 -10.53
CA ALA A 21 -18.22 -17.12 -9.25
C ALA A 21 -19.56 -16.69 -8.68
N GLY A 22 -20.43 -16.15 -9.53
CA GLY A 22 -21.77 -15.68 -9.07
C GLY A 22 -22.63 -16.82 -8.59
N TYR A 23 -22.65 -17.94 -9.33
CA TYR A 23 -23.33 -19.20 -8.93
C TYR A 23 -22.84 -19.66 -7.54
N LYS A 24 -21.52 -19.65 -7.35
CA LYS A 24 -20.94 -20.08 -6.09
C LYS A 24 -21.29 -19.14 -4.92
N ALA A 25 -21.17 -17.84 -5.14
CA ALA A 25 -21.46 -16.85 -4.09
C ALA A 25 -22.90 -16.96 -3.62
N GLU A 26 -23.82 -17.03 -4.59
CA GLU A 26 -25.28 -17.20 -4.37
C GLU A 26 -25.55 -18.39 -3.45
N ASN A 27 -24.76 -19.43 -3.63
CA ASN A 27 -25.04 -20.69 -2.92
C ASN A 27 -24.11 -20.91 -1.75
N HIS A 28 -23.27 -19.90 -1.46
CA HIS A 28 -22.26 -19.98 -0.40
C HIS A 28 -21.34 -21.18 -0.61
N LEU A 29 -20.96 -21.47 -1.86
CA LEU A 29 -20.08 -22.59 -2.13
C LEU A 29 -18.62 -22.17 -2.22
N PRO A 30 -17.70 -23.05 -1.77
CA PRO A 30 -16.28 -22.76 -1.92
C PRO A 30 -15.89 -22.62 -3.41
N ILE A 31 -14.90 -21.78 -3.69
CA ILE A 31 -14.39 -21.61 -5.06
C ILE A 31 -13.71 -22.88 -5.55
N GLU A 32 -12.93 -23.51 -4.64
CA GLU A 32 -12.18 -24.70 -4.98
C GLU A 32 -12.99 -25.97 -4.75
N ASP A 33 -13.10 -26.77 -5.80
CA ASP A 33 -13.91 -27.99 -5.75
C ASP A 33 -13.12 -28.99 -6.58
N ARG A 34 -12.34 -29.83 -5.89
CA ARG A 34 -11.40 -30.77 -6.49
C ARG A 34 -12.06 -31.87 -7.28
N ILE A 35 -13.27 -32.25 -6.88
CA ILE A 35 -14.02 -33.19 -7.67
C ILE A 35 -14.25 -32.64 -9.05
N GLN A 36 -14.77 -31.40 -9.10
CA GLN A 36 -15.01 -30.74 -10.41
C GLN A 36 -13.68 -30.58 -11.19
N GLU A 37 -12.61 -30.26 -10.50
CA GLU A 37 -11.30 -30.06 -11.19
C GLU A 37 -10.80 -31.36 -11.80
N GLU A 38 -10.86 -32.48 -11.06
CA GLU A 38 -10.43 -33.77 -11.67
C GLU A 38 -11.28 -34.15 -12.88
N LYS A 39 -12.57 -33.83 -12.80
CA LYS A 39 -13.50 -34.11 -13.89
C LYS A 39 -13.09 -33.32 -15.16
N VAL A 40 -12.76 -32.06 -14.99
CA VAL A 40 -12.39 -31.18 -16.09
C VAL A 40 -11.07 -31.68 -16.69
N ILE A 41 -10.13 -32.05 -15.82
CA ILE A 41 -8.84 -32.62 -16.21
C ILE A 41 -9.01 -33.95 -16.92
N ASN A 42 -9.77 -34.87 -16.33
CA ASN A 42 -10.00 -36.19 -16.97
C ASN A 42 -10.65 -36.09 -18.37
N SER A 43 -11.67 -35.26 -18.53
CA SER A 43 -12.30 -35.02 -19.87
C SER A 43 -11.33 -34.39 -20.88
N ALA A 44 -10.59 -33.38 -20.45
CA ALA A 44 -9.60 -32.77 -21.33
C ALA A 44 -8.60 -33.82 -21.78
N MSE A 45 -8.07 -34.62 -20.85
CA MSE A 45 -7.13 -35.68 -21.22
C MSE A 45 -7.70 -36.73 -22.19
O MSE A 45 -7.01 -37.21 -23.07
CB MSE A 45 -6.50 -36.35 -19.98
CG MSE A 45 -5.50 -35.44 -19.26
SE MSE A 45 -4.75 -36.35 -17.71
CE MSE A 45 -4.32 -38.13 -18.58
N ALA A 46 -8.99 -37.07 -22.04
CA ALA A 46 -9.61 -37.97 -22.97
C ALA A 46 -9.81 -37.31 -24.35
N GLN A 47 -10.18 -36.03 -24.42
CA GLN A 47 -10.27 -35.32 -25.69
C GLN A 47 -8.93 -35.23 -26.41
N ALA A 48 -7.92 -34.73 -25.70
CA ALA A 48 -6.53 -34.77 -26.17
C ALA A 48 -6.13 -36.10 -26.89
N GLU A 49 -6.46 -37.23 -26.27
CA GLU A 49 -6.42 -38.57 -26.89
C GLU A 49 -7.05 -38.69 -28.28
N SER A 50 -8.29 -38.19 -28.42
CA SER A 50 -8.96 -38.28 -29.72
C SER A 50 -8.37 -37.32 -30.77
N LEU A 51 -7.64 -36.31 -30.31
CA LEU A 51 -7.11 -35.31 -31.22
C LEU A 51 -5.64 -35.52 -31.58
N GLY A 52 -5.06 -36.64 -31.18
CA GLY A 52 -3.66 -36.90 -31.49
C GLY A 52 -2.70 -36.15 -30.58
N LEU A 53 -3.18 -35.68 -29.43
CA LEU A 53 -2.34 -35.00 -28.47
C LEU A 53 -1.84 -36.02 -27.46
N ASN A 54 -0.64 -35.78 -26.93
CA ASN A 54 -0.19 -36.47 -25.75
C ASN A 54 -1.00 -36.09 -24.48
N GLY A 55 -1.80 -37.02 -23.96
CA GLY A 55 -2.74 -36.82 -22.85
C GLY A 55 -2.15 -36.18 -21.60
N GLU A 56 -1.07 -36.75 -21.09
CA GLU A 56 -0.34 -36.20 -19.93
C GLU A 56 0.28 -34.78 -20.20
N SER A 57 0.69 -34.49 -21.45
CA SER A 57 1.24 -33.15 -21.82
C SER A 57 0.22 -31.99 -21.73
N ILE A 58 -1.06 -32.35 -21.71
CA ILE A 58 -2.20 -31.43 -21.61
C ILE A 58 -2.56 -30.98 -20.17
N LYS A 59 -2.25 -31.82 -19.20
CA LYS A 59 -2.65 -31.55 -17.82
C LYS A 59 -2.13 -30.26 -17.19
N PRO A 60 -0.84 -29.90 -17.42
CA PRO A 60 -0.35 -28.64 -16.92
C PRO A 60 -1.17 -27.44 -17.42
N LEU A 61 -1.54 -27.46 -18.69
CA LEU A 61 -2.39 -26.42 -19.29
C LEU A 61 -3.76 -26.41 -18.64
N MSE A 62 -4.35 -27.58 -18.44
CA MSE A 62 -5.64 -27.61 -17.72
C MSE A 62 -5.47 -27.05 -16.31
O MSE A 62 -6.23 -26.22 -15.92
CB MSE A 62 -6.22 -29.01 -17.73
CG MSE A 62 -6.46 -29.56 -19.09
SE MSE A 62 -7.36 -28.32 -20.34
CE MSE A 62 -8.99 -27.96 -19.30
N VAL A 63 -4.44 -27.50 -15.58
CA VAL A 63 -4.11 -26.92 -14.26
C VAL A 63 -3.97 -25.38 -14.30
N ALA A 64 -3.21 -24.86 -15.27
CA ALA A 64 -3.03 -23.39 -15.43
C ALA A 64 -4.35 -22.67 -15.73
N GLN A 65 -5.18 -23.29 -16.57
CA GLN A 65 -6.44 -22.65 -16.89
C GLN A 65 -7.38 -22.62 -15.66
N ILE A 66 -7.39 -23.71 -14.91
CA ILE A 66 -8.23 -23.82 -13.71
C ILE A 66 -7.77 -22.84 -12.64
N ASN A 67 -6.46 -22.72 -12.38
CA ASN A 67 -5.91 -21.63 -11.55
C ASN A 67 -6.33 -20.22 -11.95
N ALA A 68 -6.22 -19.89 -13.22
CA ALA A 68 -6.67 -18.59 -13.67
C ALA A 68 -8.14 -18.36 -13.41
N ALA A 69 -8.97 -19.36 -13.70
CA ALA A 69 -10.36 -19.33 -13.45
C ALA A 69 -10.66 -19.15 -11.94
N LYS A 70 -10.04 -19.95 -11.07
CA LYS A 70 -10.20 -19.73 -9.63
C LYS A 70 -9.75 -18.34 -9.20
N ALA A 71 -8.61 -17.89 -9.75
CA ALA A 71 -8.11 -16.56 -9.40
C ALA A 71 -9.22 -15.50 -9.68
N ILE A 72 -9.83 -15.60 -10.84
CA ILE A 72 -10.89 -14.68 -11.25
C ILE A 72 -12.07 -14.73 -10.29
N GLN A 73 -12.50 -15.97 -9.99
CA GLN A 73 -13.63 -16.21 -9.11
C GLN A 73 -13.37 -15.70 -7.72
N TYR A 74 -12.18 -15.96 -7.19
CA TYR A 74 -11.84 -15.48 -5.84
C TYR A 74 -11.95 -13.95 -5.72
N ARG A 75 -11.43 -13.28 -6.75
CA ARG A 75 -11.43 -11.85 -6.88
C ARG A 75 -12.83 -11.29 -6.95
N TYR A 76 -13.73 -11.96 -7.70
CA TYR A 76 -15.13 -11.59 -7.70
C TYR A 76 -15.75 -11.77 -6.36
N ARG A 77 -15.46 -12.90 -5.69
CA ARG A 77 -16.10 -13.12 -4.36
C ARG A 77 -15.71 -11.95 -3.41
N ALA A 78 -14.44 -11.58 -3.43
CA ALA A 78 -13.92 -10.50 -2.58
C ALA A 78 -14.67 -9.18 -2.85
N ASP A 79 -14.76 -8.81 -4.12
CA ASP A 79 -15.37 -7.54 -4.55
C ASP A 79 -16.83 -7.39 -4.18
N TRP A 80 -17.59 -8.48 -4.35
CA TRP A 80 -19.01 -8.41 -4.12
C TRP A 80 -19.35 -8.24 -2.67
N LEU A 81 -18.45 -8.62 -1.76
CA LEU A 81 -18.67 -8.43 -0.31
C LEU A 81 -18.91 -6.98 0.07
N SER A 82 -18.17 -6.07 -0.58
CA SER A 82 -18.39 -4.65 -0.30
C SER A 82 -19.15 -3.97 -1.42
N GLN A 83 -19.14 -4.58 -2.61
CA GLN A 83 -19.77 -3.96 -3.79
C GLN A 83 -20.55 -4.95 -4.62
N PRO A 84 -21.76 -5.32 -4.19
CA PRO A 84 -22.49 -6.53 -4.67
C PRO A 84 -23.33 -6.55 -5.98
N GLU A 85 -23.08 -5.72 -6.97
CA GLU A 85 -23.72 -5.94 -8.32
C GLU A 85 -25.17 -6.51 -8.39
N PRO A 86 -26.16 -5.87 -7.73
CA PRO A 86 -27.52 -6.46 -7.71
C PRO A 86 -28.15 -6.36 -9.12
N GLY A 87 -29.02 -7.29 -9.48
CA GLY A 87 -29.47 -7.30 -10.90
C GLY A 87 -28.40 -7.40 -12.01
N TRP A 88 -27.15 -7.76 -11.66
CA TRP A 88 -26.38 -8.66 -12.53
C TRP A 88 -26.69 -10.01 -11.92
N GLN A 89 -27.09 -10.94 -12.76
CA GLN A 89 -27.41 -12.29 -12.28
C GLN A 89 -26.62 -13.33 -13.08
N PRO A 90 -26.05 -14.33 -12.39
CA PRO A 90 -25.35 -15.37 -13.11
C PRO A 90 -26.28 -16.22 -13.98
N LYS A 91 -25.79 -16.64 -15.12
CA LYS A 91 -26.50 -17.60 -15.97
C LYS A 91 -26.62 -18.98 -15.29
N PRO A 92 -27.62 -19.81 -15.69
CA PRO A 92 -27.76 -21.14 -15.06
C PRO A 92 -26.48 -21.97 -15.23
N LEU A 93 -26.03 -22.61 -14.14
CA LEU A 93 -24.74 -23.29 -14.12
C LEU A 93 -24.56 -24.24 -15.29
N ASP A 94 -25.58 -25.05 -15.52
CA ASP A 94 -25.40 -26.13 -16.50
C ASP A 94 -25.14 -25.55 -17.87
N ASP A 95 -25.82 -24.46 -18.20
CA ASP A 95 -25.55 -23.76 -19.45
C ASP A 95 -24.10 -23.17 -19.51
N VAL A 96 -23.65 -22.60 -18.40
CA VAL A 96 -22.31 -22.00 -18.35
C VAL A 96 -21.22 -23.08 -18.56
N ARG A 97 -21.39 -24.18 -17.84
CA ARG A 97 -20.41 -25.27 -17.88
C ARG A 97 -20.37 -25.99 -19.23
N ALA A 98 -21.49 -26.06 -19.95
CA ALA A 98 -21.49 -26.66 -21.30
C ALA A 98 -20.72 -25.76 -22.25
N ASN A 99 -20.94 -24.47 -22.16
CA ASN A 99 -20.16 -23.49 -22.90
C ASN A 99 -18.66 -23.54 -22.64
N ILE A 100 -18.31 -23.71 -21.37
CA ILE A 100 -16.92 -23.83 -20.96
C ILE A 100 -16.32 -25.10 -21.58
N GLY A 101 -17.04 -26.21 -21.51
CA GLY A 101 -16.57 -27.51 -21.95
C GLY A 101 -16.38 -27.46 -23.47
N GLU A 102 -17.34 -26.80 -24.12
CA GLU A 102 -17.29 -26.57 -25.57
C GLU A 102 -16.01 -25.82 -25.94
N LEU A 103 -15.72 -24.77 -25.19
CA LEU A 103 -14.54 -23.96 -25.48
C LEU A 103 -13.25 -24.72 -25.19
N SER A 104 -13.29 -25.49 -24.11
CA SER A 104 -12.22 -26.37 -23.78
C SER A 104 -11.85 -27.35 -24.94
N THR A 105 -12.88 -27.93 -25.58
CA THR A 105 -12.68 -28.74 -26.78
C THR A 105 -12.00 -27.96 -27.92
N LYS A 106 -12.50 -26.75 -28.18
CA LYS A 106 -12.03 -25.90 -29.27
C LYS A 106 -10.57 -25.51 -29.08
N ILE A 107 -10.19 -25.30 -27.82
CA ILE A 107 -8.83 -24.95 -27.50
C ILE A 107 -7.90 -26.12 -27.86
N LEU A 108 -8.27 -27.32 -27.46
CA LEU A 108 -7.46 -28.50 -27.74
C LEU A 108 -7.38 -28.84 -29.24
N GLU A 109 -8.51 -28.69 -29.94
CA GLU A 109 -8.55 -28.85 -31.39
C GLU A 109 -7.63 -27.84 -32.07
N GLN A 110 -7.67 -26.59 -31.62
CA GLN A 110 -6.84 -25.56 -32.21
C GLN A 110 -5.34 -25.79 -31.97
N ILE A 111 -5.00 -26.16 -30.74
CA ILE A 111 -3.61 -26.50 -30.43
C ILE A 111 -3.08 -27.69 -31.28
N ALA A 112 -3.89 -28.74 -31.41
CA ALA A 112 -3.50 -29.92 -32.19
C ALA A 112 -3.25 -29.49 -33.64
N GLU A 113 -4.25 -28.85 -34.27
CA GLU A 113 -4.08 -28.28 -35.60
C GLU A 113 -2.75 -27.48 -35.72
N GLU A 114 -2.55 -26.50 -34.85
CA GLU A 114 -1.37 -25.65 -34.93
C GLU A 114 -0.06 -26.41 -34.83
N LEU A 115 -0.02 -27.36 -33.90
CA LEU A 115 1.15 -28.20 -33.65
C LEU A 115 1.49 -29.02 -34.90
N LYS A 116 0.47 -29.49 -35.61
CA LYS A 116 0.64 -30.23 -36.87
C LYS A 116 1.13 -29.32 -38.01
N THR A 117 0.48 -28.16 -38.16
CA THR A 117 0.62 -27.30 -39.35
C THR A 117 1.59 -26.11 -39.21
N CYS A 118 1.91 -25.69 -37.99
CA CYS A 118 2.63 -24.43 -37.84
C CYS A 118 4.01 -24.59 -37.25
N LYS A 119 4.87 -23.61 -37.54
CA LYS A 119 6.11 -23.39 -36.78
C LYS A 119 5.74 -22.87 -35.37
N PRO A 120 6.60 -23.13 -34.37
CA PRO A 120 6.34 -22.49 -33.06
C PRO A 120 6.60 -20.97 -33.12
N ALA A 121 7.08 -20.52 -34.28
CA ALA A 121 7.21 -19.09 -34.60
C ALA A 121 5.90 -18.48 -35.12
N GLU A 122 5.09 -19.26 -35.82
CA GLU A 122 3.80 -18.78 -36.31
C GLU A 122 2.77 -18.74 -35.18
N MSE A 123 3.05 -19.49 -34.11
CA MSE A 123 2.10 -19.60 -33.01
C MSE A 123 2.27 -18.45 -32.02
O MSE A 123 3.28 -17.74 -32.04
CB MSE A 123 2.24 -20.95 -32.31
CG MSE A 123 1.87 -22.15 -33.18
SE MSE A 123 2.29 -23.86 -32.30
CE MSE A 123 0.75 -23.95 -31.02
N GLY A 124 1.27 -18.28 -31.16
CA GLY A 124 1.22 -17.19 -30.20
C GLY A 124 2.48 -17.12 -29.36
N ASP A 125 3.00 -15.91 -29.19
CA ASP A 125 4.10 -15.65 -28.27
C ASP A 125 3.62 -14.96 -26.98
N LYS A 126 4.56 -14.81 -26.04
CA LYS A 126 4.25 -14.38 -24.68
C LYS A 126 3.42 -13.09 -24.67
N ALA A 127 3.77 -12.17 -25.57
CA ALA A 127 3.14 -10.84 -25.66
C ALA A 127 1.77 -10.89 -26.32
N HIS A 128 1.62 -11.78 -27.29
CA HIS A 128 0.34 -12.04 -27.88
C HIS A 128 -0.66 -12.56 -26.85
N PHE A 129 -0.24 -13.52 -26.02
CA PHE A 129 -1.11 -14.06 -24.96
C PHE A 129 -1.56 -12.97 -23.99
N ILE A 130 -0.61 -12.21 -23.47
CA ILE A 130 -0.98 -11.08 -22.61
C ILE A 130 -1.99 -10.12 -23.26
N ASN A 131 -1.71 -9.67 -24.47
CA ASN A 131 -2.57 -8.69 -25.14
C ASN A 131 -3.95 -9.24 -25.51
N THR A 132 -4.05 -10.57 -25.59
CA THR A 132 -5.27 -11.23 -26.08
C THR A 132 -6.10 -11.77 -24.93
N ILE A 133 -5.43 -12.29 -23.91
CA ILE A 133 -6.16 -12.84 -22.80
C ILE A 133 -6.21 -11.74 -21.74
N ARG A 134 -7.26 -10.93 -21.82
CA ARG A 134 -7.53 -9.88 -20.85
C ARG A 134 -8.98 -10.01 -20.35
N GLN A 135 -9.14 -10.14 -19.04
CA GLN A 135 -10.46 -10.17 -18.41
C GLN A 135 -10.33 -9.39 -17.11
N HIS A 136 -11.43 -8.78 -16.68
CA HIS A 136 -11.50 -8.23 -15.34
C HIS A 136 -11.09 -9.33 -14.33
N ASN A 137 -10.28 -8.95 -13.34
CA ASN A 137 -9.87 -9.88 -12.28
C ASN A 137 -8.87 -10.95 -12.68
N LEU A 138 -8.23 -10.80 -13.82
CA LEU A 138 -7.23 -11.76 -14.27
C LEU A 138 -5.88 -11.04 -14.41
N THR A 139 -4.82 -11.55 -13.79
CA THR A 139 -3.57 -10.81 -13.86
C THR A 139 -2.64 -11.38 -14.94
N SER A 140 -1.58 -10.63 -15.21
CA SER A 140 -0.53 -11.05 -16.12
C SER A 140 0.23 -12.29 -15.64
N ALA A 141 0.54 -12.37 -14.34
CA ALA A 141 1.02 -13.64 -13.77
C ALA A 141 0.06 -14.86 -14.03
N ASP A 142 -1.25 -14.66 -13.99
CA ASP A 142 -2.21 -15.74 -14.28
C ASP A 142 -2.08 -16.18 -15.74
N VAL A 143 -1.94 -15.19 -16.64
CA VAL A 143 -1.85 -15.48 -18.06
C VAL A 143 -0.52 -16.09 -18.45
N GLU A 144 0.56 -15.63 -17.82
CA GLU A 144 1.91 -16.17 -18.09
C GLU A 144 2.05 -17.66 -17.72
N ALA A 145 1.37 -18.11 -16.66
CA ALA A 145 1.30 -19.53 -16.33
C ALA A 145 0.54 -20.33 -17.42
N ILE A 146 -0.44 -19.69 -18.03
CA ILE A 146 -1.19 -20.38 -19.06
C ILE A 146 -0.33 -20.50 -20.30
N PHE A 147 0.39 -19.44 -20.61
CA PHE A 147 1.31 -19.43 -21.78
C PHE A 147 2.40 -20.44 -21.61
N SER A 148 3.00 -20.53 -20.44
CA SER A 148 4.11 -21.41 -20.36
C SER A 148 3.66 -22.89 -20.46
N THR A 149 2.48 -23.23 -19.93
CA THR A 149 1.99 -24.63 -20.02
C THR A 149 1.50 -24.98 -21.42
N PHE A 150 0.92 -23.99 -22.07
CA PHE A 150 0.46 -24.11 -23.45
C PHE A 150 1.61 -24.63 -24.36
N ASN A 151 2.80 -24.11 -24.12
CA ASN A 151 3.99 -24.52 -24.84
C ASN A 151 4.53 -25.88 -24.47
N GLN A 152 3.98 -26.45 -23.39
CA GLN A 152 4.34 -27.81 -22.95
C GLN A 152 3.48 -28.86 -23.63
N VAL A 153 2.38 -28.44 -24.28
CA VAL A 153 1.51 -29.40 -24.94
C VAL A 153 2.15 -29.97 -26.22
N LYS A 154 2.16 -31.29 -26.38
CA LYS A 154 2.82 -31.94 -27.54
C LYS A 154 1.85 -32.88 -28.23
N LEU A 155 2.11 -33.13 -29.50
CA LEU A 155 1.49 -34.23 -30.22
C LEU A 155 1.94 -35.60 -29.72
N LYS A 156 1.10 -36.59 -29.97
CA LYS A 156 1.42 -38.02 -29.79
C LYS A 156 0.18 -38.89 -29.90
N GLN B 2 -8.03 5.44 24.11
CA GLN B 2 -8.65 6.71 24.61
C GLN B 2 -9.85 7.08 23.72
N CYS B 3 -9.81 8.26 23.06
CA CYS B 3 -10.78 8.56 21.98
C CYS B 3 -10.08 8.55 20.60
N GLY B 4 -10.86 8.25 19.55
CA GLY B 4 -10.31 7.83 18.24
C GLY B 4 -9.41 6.59 18.29
N GLN B 5 -9.60 5.72 19.27
CA GLN B 5 -8.76 4.51 19.41
C GLN B 5 -9.41 3.22 18.82
N THR B 6 -10.68 3.32 18.41
CA THR B 6 -11.38 2.16 17.84
C THR B 6 -10.85 1.73 16.48
N ALA B 7 -10.66 2.67 15.55
CA ALA B 7 -10.14 2.30 14.24
C ALA B 7 -8.80 1.55 14.25
N PRO B 8 -7.81 1.99 15.09
CA PRO B 8 -6.58 1.19 15.19
C PRO B 8 -6.80 -0.25 15.62
N LEU B 9 -7.78 -0.53 16.48
CA LEU B 9 -8.04 -1.90 16.88
C LEU B 9 -8.69 -2.69 15.75
N ILE B 10 -9.59 -2.02 15.04
CA ILE B 10 -10.22 -2.62 13.84
C ILE B 10 -9.14 -3.05 12.86
N ASN B 11 -8.14 -2.17 12.67
CA ASN B 11 -7.03 -2.47 11.77
C ASN B 11 -6.16 -3.62 12.25
N GLU B 12 -5.76 -3.64 13.52
CA GLU B 12 -5.07 -4.80 14.13
C GLU B 12 -5.79 -6.14 13.85
N ARG B 13 -7.12 -6.18 13.90
CA ARG B 13 -7.86 -7.45 13.71
C ARG B 13 -7.65 -7.99 12.30
N LEU B 14 -7.65 -7.07 11.37
CA LEU B 14 -7.44 -7.41 9.99
C LEU B 14 -6.01 -7.85 9.65
N SER B 15 -5.03 -7.46 10.45
CA SER B 15 -3.60 -7.79 10.21
C SER B 15 -3.40 -9.27 10.38
N TYR B 16 -4.41 -9.96 10.93
CA TYR B 16 -4.27 -11.41 11.13
C TYR B 16 -4.77 -12.23 9.97
N MSE B 17 -5.30 -11.58 8.94
CA MSE B 17 -6.08 -12.32 7.94
C MSE B 17 -5.19 -13.03 6.90
O MSE B 17 -5.59 -14.01 6.27
CB MSE B 17 -7.12 -11.39 7.28
CG MSE B 17 -8.25 -10.96 8.24
SE MSE B 17 -8.99 -12.48 9.33
CE MSE B 17 -9.62 -11.34 10.86
N LYS B 18 -3.96 -12.53 6.75
CA LYS B 18 -3.01 -13.25 5.87
C LYS B 18 -2.65 -14.59 6.47
N ASP B 19 -2.56 -14.64 7.79
CA ASP B 19 -2.33 -15.95 8.48
C ASP B 19 -3.52 -16.90 8.35
N VAL B 20 -4.73 -16.36 8.50
CA VAL B 20 -5.94 -17.19 8.34
C VAL B 20 -6.01 -17.74 6.91
N ALA B 21 -5.89 -16.87 5.92
CA ALA B 21 -5.78 -17.23 4.49
C ALA B 21 -4.72 -18.26 4.19
N GLY B 22 -3.50 -18.03 4.68
CA GLY B 22 -2.42 -19.02 4.46
C GLY B 22 -2.79 -20.40 5.01
N TYR B 23 -3.29 -20.41 6.25
CA TYR B 23 -3.56 -21.69 6.92
C TYR B 23 -4.64 -22.42 6.17
N LYS B 24 -5.72 -21.70 5.83
CA LYS B 24 -6.81 -22.21 4.99
C LYS B 24 -6.32 -22.71 3.64
N ALA B 25 -5.39 -21.98 3.05
CA ALA B 25 -4.81 -22.38 1.75
C ALA B 25 -4.05 -23.71 1.85
N GLU B 26 -3.17 -23.83 2.85
CA GLU B 26 -2.39 -25.09 3.07
C GLU B 26 -3.29 -26.28 3.25
N ASN B 27 -4.42 -26.09 3.91
CA ASN B 27 -5.32 -27.19 4.28
C ASN B 27 -6.53 -27.33 3.41
N HIS B 28 -6.53 -26.54 2.34
CA HIS B 28 -7.63 -26.46 1.39
C HIS B 28 -8.96 -26.24 2.07
N LEU B 29 -9.00 -25.23 2.96
CA LEU B 29 -10.22 -24.91 3.70
C LEU B 29 -10.94 -23.78 2.97
N PRO B 30 -12.28 -23.80 2.93
CA PRO B 30 -12.90 -22.68 2.26
C PRO B 30 -12.71 -21.40 3.14
N ILE B 31 -12.76 -20.23 2.51
CA ILE B 31 -12.56 -18.96 3.22
C ILE B 31 -13.77 -18.76 4.11
N GLU B 32 -14.94 -19.00 3.55
CA GLU B 32 -16.11 -18.75 4.32
C GLU B 32 -16.45 -19.95 5.21
N ASP B 33 -16.59 -19.67 6.51
CA ASP B 33 -16.85 -20.67 7.54
C ASP B 33 -18.04 -20.16 8.33
N ARG B 34 -19.24 -20.61 8.02
CA ARG B 34 -20.43 -20.04 8.63
C ARG B 34 -20.49 -20.21 10.14
N ILE B 35 -20.08 -21.36 10.67
CA ILE B 35 -20.13 -21.57 12.09
C ILE B 35 -19.12 -20.68 12.78
N GLN B 36 -17.96 -20.47 12.15
CA GLN B 36 -17.03 -19.52 12.78
C GLN B 36 -17.58 -18.08 12.79
N GLU B 37 -18.19 -17.65 11.69
CA GLU B 37 -18.79 -16.31 11.60
C GLU B 37 -19.94 -16.13 12.61
N GLU B 38 -20.74 -17.17 12.81
CA GLU B 38 -21.87 -17.07 13.80
C GLU B 38 -21.36 -16.99 15.22
N LYS B 39 -20.30 -17.73 15.54
CA LYS B 39 -19.61 -17.54 16.82
C LYS B 39 -19.08 -16.15 17.02
N VAL B 40 -18.46 -15.59 15.99
CA VAL B 40 -18.00 -14.21 16.09
C VAL B 40 -19.22 -13.29 16.36
N ILE B 41 -20.26 -13.42 15.55
CA ILE B 41 -21.43 -12.51 15.64
C ILE B 41 -22.18 -12.65 16.97
N ASN B 42 -22.39 -13.87 17.43
CA ASN B 42 -22.91 -14.10 18.78
C ASN B 42 -22.11 -13.57 19.98
N SER B 43 -20.76 -13.66 19.99
CA SER B 43 -20.01 -13.13 21.13
C SER B 43 -20.09 -11.61 21.09
N ALA B 44 -19.98 -11.03 19.91
CA ALA B 44 -20.14 -9.59 19.82
C ALA B 44 -21.51 -9.14 20.37
N MSE B 45 -22.58 -9.85 20.05
CA MSE B 45 -23.91 -9.41 20.51
C MSE B 45 -24.02 -9.54 22.01
O MSE B 45 -24.53 -8.65 22.64
CB MSE B 45 -25.09 -10.18 19.89
CG MSE B 45 -24.97 -10.48 18.43
SE MSE B 45 -26.69 -10.99 17.60
CE MSE B 45 -27.71 -11.55 19.20
N ALA B 46 -23.62 -10.68 22.56
CA ALA B 46 -23.52 -10.82 24.02
C ALA B 46 -22.71 -9.66 24.64
N GLN B 47 -21.47 -9.50 24.21
CA GLN B 47 -20.65 -8.41 24.74
C GLN B 47 -21.30 -7.04 24.60
N ALA B 48 -21.76 -6.71 23.39
CA ALA B 48 -22.47 -5.42 23.20
C ALA B 48 -23.69 -5.23 24.15
N GLU B 49 -24.37 -6.33 24.48
CA GLU B 49 -25.57 -6.29 25.32
C GLU B 49 -25.15 -5.81 26.73
N SER B 50 -24.15 -6.50 27.32
CA SER B 50 -23.54 -6.13 28.61
C SER B 50 -23.04 -4.69 28.70
N LEU B 51 -22.43 -4.20 27.63
CA LEU B 51 -21.85 -2.90 27.63
C LEU B 51 -22.86 -1.76 27.46
N GLY B 52 -24.11 -2.07 27.12
CA GLY B 52 -25.13 -1.01 26.95
C GLY B 52 -25.21 -0.50 25.54
N LEU B 53 -24.84 -1.34 24.59
CA LEU B 53 -25.05 -1.08 23.19
C LEU B 53 -26.30 -1.84 22.64
N ASN B 54 -27.04 -1.17 21.74
CA ASN B 54 -27.89 -1.82 20.73
C ASN B 54 -26.88 -2.54 19.82
N GLY B 55 -26.54 -3.82 20.03
CA GLY B 55 -27.46 -4.93 20.12
C GLY B 55 -27.68 -5.25 18.62
N GLU B 56 -28.71 -4.62 18.06
CA GLU B 56 -29.03 -4.69 16.65
C GLU B 56 -28.14 -3.76 15.82
N SER B 57 -27.76 -2.61 16.40
CA SER B 57 -26.90 -1.64 15.68
C SER B 57 -25.46 -2.15 15.50
N ILE B 58 -25.07 -3.16 16.29
CA ILE B 58 -23.71 -3.74 16.35
C ILE B 58 -23.45 -4.82 15.24
N LYS B 59 -24.46 -5.65 14.96
CA LYS B 59 -24.36 -6.66 13.95
C LYS B 59 -23.82 -6.22 12.58
N PRO B 60 -24.30 -5.08 12.03
CA PRO B 60 -23.77 -4.66 10.73
C PRO B 60 -22.28 -4.32 10.73
N LEU B 61 -21.78 -3.83 11.86
CA LEU B 61 -20.36 -3.48 12.00
C LEU B 61 -19.58 -4.75 12.00
N MSE B 62 -20.04 -5.72 12.78
CA MSE B 62 -19.43 -7.06 12.84
C MSE B 62 -19.38 -7.73 11.47
O MSE B 62 -18.35 -8.26 11.06
CB MSE B 62 -20.18 -7.95 13.83
CG MSE B 62 -20.04 -7.50 15.28
SE MSE B 62 -18.18 -7.02 15.87
CE MSE B 62 -17.37 -8.71 15.66
N VAL B 63 -20.50 -7.74 10.77
CA VAL B 63 -20.55 -8.20 9.35
C VAL B 63 -19.65 -7.42 8.41
N ALA B 64 -19.63 -6.09 8.53
CA ALA B 64 -18.64 -5.31 7.79
C ALA B 64 -17.19 -5.75 8.05
N GLN B 65 -16.84 -6.05 9.30
CA GLN B 65 -15.47 -6.51 9.62
C GLN B 65 -15.13 -7.91 9.11
N ILE B 66 -16.03 -8.83 9.33
CA ILE B 66 -15.94 -10.15 8.76
C ILE B 66 -15.86 -10.11 7.22
N ASN B 67 -16.69 -9.31 6.54
CA ASN B 67 -16.59 -9.21 5.12
C ASN B 67 -15.23 -8.65 4.67
N ALA B 68 -14.71 -7.64 5.35
CA ALA B 68 -13.42 -7.09 5.03
C ALA B 68 -12.37 -8.20 5.21
N ALA B 69 -12.46 -8.93 6.30
CA ALA B 69 -11.51 -9.97 6.58
C ALA B 69 -11.53 -11.07 5.48
N LYS B 70 -12.74 -11.53 5.08
CA LYS B 70 -12.89 -12.50 3.95
C LYS B 70 -12.39 -11.98 2.58
N ALA B 71 -12.70 -10.73 2.27
CA ALA B 71 -12.18 -10.10 1.06
C ALA B 71 -10.62 -10.10 1.03
N ILE B 72 -9.97 -9.76 2.16
CA ILE B 72 -8.49 -9.89 2.25
C ILE B 72 -8.08 -11.35 1.92
N GLN B 73 -8.73 -12.32 2.62
CA GLN B 73 -8.40 -13.73 2.44
C GLN B 73 -8.60 -14.22 1.02
N TYR B 74 -9.74 -13.90 0.39
CA TYR B 74 -10.04 -14.29 -1.01
C TYR B 74 -8.98 -13.79 -1.99
N ARG B 75 -8.49 -12.56 -1.79
CA ARG B 75 -7.47 -12.00 -2.69
C ARG B 75 -6.09 -12.60 -2.48
N TYR B 76 -5.74 -12.98 -1.24
CA TYR B 76 -4.53 -13.80 -1.06
C TYR B 76 -4.68 -15.13 -1.76
N ARG B 77 -5.83 -15.79 -1.64
CA ARG B 77 -5.96 -17.12 -2.29
C ARG B 77 -5.79 -16.96 -3.80
N ALA B 78 -6.37 -15.89 -4.34
CA ALA B 78 -6.20 -15.63 -5.79
C ALA B 78 -4.76 -15.42 -6.16
N ASP B 79 -4.06 -14.53 -5.44
CA ASP B 79 -2.70 -14.15 -5.80
C ASP B 79 -1.72 -15.32 -5.69
N TRP B 80 -1.90 -16.16 -4.66
CA TRP B 80 -1.04 -17.33 -4.41
C TRP B 80 -1.11 -18.41 -5.44
N LEU B 81 -2.17 -18.48 -6.22
CA LEU B 81 -2.25 -19.47 -7.31
C LEU B 81 -1.12 -19.30 -8.34
N SER B 82 -0.79 -18.04 -8.66
CA SER B 82 0.21 -17.73 -9.67
C SER B 82 1.46 -17.09 -9.05
N GLN B 83 1.33 -16.62 -7.82
CA GLN B 83 2.46 -16.02 -7.10
C GLN B 83 2.53 -16.48 -5.63
N PRO B 84 2.82 -17.77 -5.37
CA PRO B 84 2.99 -18.28 -4.01
C PRO B 84 4.06 -17.50 -3.26
N GLU B 85 3.94 -17.42 -1.93
CA GLU B 85 4.89 -16.67 -1.11
C GLU B 85 5.61 -17.65 -0.22
N PRO B 86 6.82 -18.10 -0.66
CA PRO B 86 7.60 -19.14 0.03
C PRO B 86 7.87 -18.81 1.51
N GLY B 87 8.19 -17.54 1.77
CA GLY B 87 8.58 -17.11 3.09
C GLY B 87 7.44 -17.04 4.08
N TRP B 88 6.19 -17.14 3.59
CA TRP B 88 5.01 -16.99 4.45
C TRP B 88 4.64 -18.30 5.17
N GLN B 89 4.91 -18.37 6.47
CA GLN B 89 4.51 -19.55 7.23
C GLN B 89 3.38 -19.21 8.17
N PRO B 90 2.16 -19.68 7.89
CA PRO B 90 0.98 -19.24 8.64
C PRO B 90 1.06 -19.67 10.10
N LYS B 91 0.66 -18.82 11.04
CA LYS B 91 0.60 -19.25 12.43
C LYS B 91 -0.58 -20.23 12.64
N PRO B 92 -0.53 -21.11 13.67
CA PRO B 92 -1.66 -22.05 13.85
C PRO B 92 -3.01 -21.31 14.00
N LEU B 93 -4.06 -21.85 13.39
CA LEU B 93 -5.29 -21.12 13.18
C LEU B 93 -5.97 -20.81 14.51
N ASP B 94 -5.92 -21.78 15.42
CA ASP B 94 -6.51 -21.57 16.74
C ASP B 94 -5.87 -20.44 17.50
N ASP B 95 -4.53 -20.31 17.44
CA ASP B 95 -3.83 -19.19 18.10
C ASP B 95 -4.27 -17.84 17.50
N VAL B 96 -4.36 -17.81 16.16
CA VAL B 96 -4.67 -16.57 15.41
C VAL B 96 -6.10 -16.19 15.73
N ARG B 97 -6.99 -17.18 15.72
CA ARG B 97 -8.37 -16.98 16.14
C ARG B 97 -8.55 -16.43 17.54
N ALA B 98 -7.75 -16.88 18.49
CA ALA B 98 -7.84 -16.29 19.84
C ALA B 98 -7.32 -14.81 19.88
N ASN B 99 -6.30 -14.49 19.08
CA ASN B 99 -5.82 -13.12 18.97
C ASN B 99 -6.91 -12.28 18.34
N ILE B 100 -7.54 -12.81 17.29
CA ILE B 100 -8.67 -12.09 16.66
C ILE B 100 -9.82 -11.83 17.65
N GLY B 101 -10.20 -12.85 18.45
CA GLY B 101 -11.31 -12.73 19.43
C GLY B 101 -11.00 -11.71 20.51
N GLU B 102 -9.77 -11.71 20.99
CA GLU B 102 -9.31 -10.75 21.96
C GLU B 102 -9.48 -9.32 21.42
N LEU B 103 -9.17 -9.13 20.16
CA LEU B 103 -9.33 -7.81 19.54
C LEU B 103 -10.75 -7.36 19.36
N SER B 104 -11.63 -8.28 18.94
CA SER B 104 -13.04 -7.95 18.79
C SER B 104 -13.61 -7.44 20.11
N THR B 105 -13.15 -8.07 21.17
CA THR B 105 -13.49 -7.81 22.53
C THR B 105 -13.05 -6.36 22.90
N LYS B 106 -11.82 -5.94 22.56
CA LYS B 106 -11.38 -4.52 22.79
C LYS B 106 -12.10 -3.49 21.93
N ILE B 107 -12.45 -3.89 20.70
CA ILE B 107 -13.20 -3.05 19.78
C ILE B 107 -14.53 -2.68 20.37
N LEU B 108 -15.25 -3.66 20.92
CA LEU B 108 -16.54 -3.37 21.53
C LEU B 108 -16.46 -2.54 22.82
N GLU B 109 -15.55 -2.91 23.72
CA GLU B 109 -15.25 -2.08 24.89
C GLU B 109 -14.97 -0.64 24.47
N GLN B 110 -14.11 -0.47 23.47
CA GLN B 110 -13.72 0.85 22.99
C GLN B 110 -14.89 1.62 22.37
N ILE B 111 -15.76 0.94 21.63
CA ILE B 111 -16.93 1.58 21.04
C ILE B 111 -17.88 2.09 22.14
N ALA B 112 -18.16 1.25 23.13
CA ALA B 112 -19.00 1.63 24.25
C ALA B 112 -18.45 2.91 24.98
N GLU B 113 -17.21 2.81 25.47
CA GLU B 113 -16.47 3.90 26.10
C GLU B 113 -16.51 5.19 25.26
N GLU B 114 -16.24 5.09 23.95
CA GLU B 114 -16.26 6.27 23.07
C GLU B 114 -17.65 6.86 22.89
N LEU B 115 -18.65 5.99 22.85
CA LEU B 115 -20.06 6.40 22.75
C LEU B 115 -20.58 7.03 24.03
N LYS B 116 -20.12 6.53 25.16
CA LYS B 116 -20.65 6.95 26.46
C LYS B 116 -20.04 8.27 26.91
N THR B 117 -18.85 8.55 26.40
CA THR B 117 -18.14 9.77 26.75
C THR B 117 -18.09 10.67 25.51
N CYS B 118 -16.92 10.78 24.89
CA CYS B 118 -16.63 11.83 23.88
C CYS B 118 -17.65 11.97 22.72
N LYS B 119 -17.85 13.21 22.26
CA LYS B 119 -18.95 13.57 21.35
C LYS B 119 -18.57 13.33 19.90
N PRO B 120 -19.36 12.48 19.19
CA PRO B 120 -19.22 12.14 17.77
C PRO B 120 -18.95 13.29 16.75
N ALA B 121 -18.61 14.47 17.25
CA ALA B 121 -17.91 15.47 16.44
C ALA B 121 -16.42 15.17 16.51
N GLU B 122 -15.89 15.00 17.73
CA GLU B 122 -14.51 14.53 17.95
C GLU B 122 -14.29 13.09 17.47
N MSE B 123 -15.37 12.31 17.31
CA MSE B 123 -15.24 10.93 16.76
C MSE B 123 -14.75 10.93 15.29
O MSE B 123 -15.15 11.78 14.48
CB MSE B 123 -16.51 10.09 16.95
CG MSE B 123 -16.69 9.57 18.41
SE MSE B 123 -17.70 7.87 18.76
CE MSE B 123 -19.07 7.98 17.23
N GLY B 124 -13.86 9.98 15.00
CA GLY B 124 -13.11 9.90 13.73
C GLY B 124 -13.87 10.14 12.43
N ASP B 125 -13.24 10.91 11.55
CA ASP B 125 -13.79 11.19 10.24
C ASP B 125 -13.28 10.14 9.25
N LYS B 126 -13.76 10.20 8.02
CA LYS B 126 -13.50 9.16 7.02
C LYS B 126 -12.04 9.12 6.61
N ALA B 127 -11.44 10.30 6.45
CA ALA B 127 -10.03 10.35 6.12
C ALA B 127 -9.16 9.67 7.20
N HIS B 128 -9.50 9.85 8.49
CA HIS B 128 -8.74 9.17 9.60
C HIS B 128 -8.95 7.67 9.61
N PHE B 129 -10.20 7.28 9.48
CA PHE B 129 -10.54 5.87 9.26
C PHE B 129 -9.74 5.25 8.14
N ILE B 130 -9.64 5.96 7.00
CA ILE B 130 -9.00 5.45 5.81
C ILE B 130 -7.51 5.37 6.00
N ASN B 131 -6.93 6.38 6.66
CA ASN B 131 -5.51 6.31 6.92
C ASN B 131 -5.15 5.18 7.89
N THR B 132 -6.04 4.93 8.85
CA THR B 132 -5.76 4.00 9.92
C THR B 132 -5.95 2.58 9.43
N ILE B 133 -7.07 2.32 8.75
CA ILE B 133 -7.40 0.96 8.34
C ILE B 133 -6.82 0.70 6.95
N ARG B 134 -5.64 0.05 6.94
CA ARG B 134 -4.75 -0.01 5.78
C ARG B 134 -4.09 -1.39 5.82
N GLN B 135 -4.38 -2.17 4.80
CA GLN B 135 -3.93 -3.54 4.73
C GLN B 135 -3.79 -3.84 3.25
N HIS B 136 -2.79 -4.61 2.92
CA HIS B 136 -2.74 -5.11 1.57
C HIS B 136 -4.06 -5.92 1.32
N ASN B 137 -4.61 -5.82 0.11
CA ASN B 137 -5.78 -6.65 -0.28
C ASN B 137 -7.10 -6.17 0.31
N LEU B 138 -7.12 -4.93 0.82
CA LEU B 138 -8.30 -4.31 1.43
C LEU B 138 -8.63 -3.09 0.56
N THR B 139 -9.85 -2.90 0.09
CA THR B 139 -10.10 -1.76 -0.76
C THR B 139 -10.80 -0.65 -0.02
N SER B 140 -10.98 0.50 -0.70
CA SER B 140 -11.71 1.64 -0.12
C SER B 140 -13.16 1.30 0.17
N ALA B 141 -13.81 0.55 -0.73
CA ALA B 141 -15.16 0.10 -0.48
C ALA B 141 -15.24 -0.78 0.78
N ASP B 142 -14.26 -1.64 0.98
CA ASP B 142 -14.24 -2.48 2.21
C ASP B 142 -14.15 -1.57 3.44
N VAL B 143 -13.26 -0.57 3.38
CA VAL B 143 -13.06 0.33 4.54
C VAL B 143 -14.31 1.19 4.76
N GLU B 144 -14.88 1.69 3.65
CA GLU B 144 -16.14 2.44 3.65
C GLU B 144 -17.34 1.70 4.25
N ALA B 145 -17.50 0.41 3.97
CA ALA B 145 -18.59 -0.33 4.58
C ALA B 145 -18.38 -0.46 6.10
N ILE B 146 -17.13 -0.60 6.54
CA ILE B 146 -16.88 -0.55 7.97
C ILE B 146 -17.21 0.83 8.53
N PHE B 147 -16.76 1.90 7.86
CA PHE B 147 -16.91 3.25 8.37
C PHE B 147 -18.39 3.54 8.54
N SER B 148 -19.16 3.26 7.48
CA SER B 148 -20.60 3.57 7.48
C SER B 148 -21.38 2.77 8.51
N THR B 149 -21.00 1.52 8.75
CA THR B 149 -21.66 0.73 9.80
C THR B 149 -21.24 1.19 11.21
N PHE B 150 -19.97 1.58 11.33
CA PHE B 150 -19.41 2.04 12.61
C PHE B 150 -20.22 3.24 13.13
N ASN B 151 -20.53 4.18 12.26
CA ASN B 151 -21.32 5.38 12.60
C ASN B 151 -22.81 5.17 12.94
N GLN B 152 -23.30 3.94 12.78
CA GLN B 152 -24.69 3.64 13.05
C GLN B 152 -24.79 2.79 14.32
N VAL B 153 -23.65 2.55 14.96
CA VAL B 153 -23.67 1.89 16.27
C VAL B 153 -24.27 2.87 17.29
N LYS B 154 -25.15 2.35 18.14
CA LYS B 154 -25.88 3.16 19.11
C LYS B 154 -25.91 2.48 20.46
N LEU B 155 -25.83 3.29 21.52
CA LEU B 155 -26.11 2.82 22.87
C LEU B 155 -27.58 2.38 23.01
N LYS B 156 -27.78 1.37 23.87
CA LYS B 156 -29.09 0.99 24.45
C LYS B 156 -29.12 -0.39 25.15
N GLN C 1 21.69 25.98 -30.60
CA GLN C 1 20.67 25.84 -29.51
C GLN C 1 20.23 27.21 -28.96
N GLN C 2 19.02 27.61 -29.32
CA GLN C 2 18.43 28.87 -28.82
C GLN C 2 17.08 28.67 -28.09
N CYS C 3 16.32 27.64 -28.47
CA CYS C 3 14.99 27.38 -27.88
C CYS C 3 14.89 26.05 -27.14
N GLY C 4 13.92 25.96 -26.22
CA GLY C 4 13.64 24.76 -25.43
C GLY C 4 14.78 24.31 -24.53
N GLN C 5 15.61 25.26 -24.07
CA GLN C 5 16.85 24.96 -23.34
C GLN C 5 16.80 25.29 -21.82
N THR C 6 15.62 25.56 -21.28
CA THR C 6 15.49 25.95 -19.87
C THR C 6 15.50 24.71 -18.94
N ALA C 7 14.74 23.69 -19.31
CA ALA C 7 14.61 22.44 -18.51
C ALA C 7 15.90 21.78 -18.07
N PRO C 8 16.92 21.67 -18.96
CA PRO C 8 18.20 21.14 -18.55
C PRO C 8 18.84 21.92 -17.38
N LEU C 9 18.62 23.23 -17.37
CA LEU C 9 19.18 24.11 -16.33
C LEU C 9 18.43 23.94 -15.00
N ILE C 10 17.12 23.77 -15.13
CA ILE C 10 16.27 23.51 -13.98
C ILE C 10 16.69 22.15 -13.37
N ASN C 11 16.86 21.15 -14.25
CA ASN C 11 17.34 19.85 -13.79
C ASN C 11 18.64 19.97 -13.01
N GLU C 12 19.57 20.72 -13.58
CA GLU C 12 20.90 20.88 -12.98
C GLU C 12 20.87 21.58 -11.59
N ARG C 13 20.07 22.63 -11.44
CA ARG C 13 19.87 23.29 -10.13
C ARG C 13 19.38 22.24 -9.09
N LEU C 14 18.41 21.43 -9.48
CA LEU C 14 17.83 20.38 -8.62
C LEU C 14 18.81 19.24 -8.27
N SER C 15 19.88 19.07 -9.06
CA SER C 15 20.90 18.07 -8.79
C SER C 15 21.75 18.44 -7.57
N TYR C 16 21.67 19.68 -7.11
CA TYR C 16 22.41 20.07 -5.93
C TYR C 16 21.66 19.78 -4.64
N MSE C 17 20.41 19.37 -4.73
CA MSE C 17 19.57 19.31 -3.53
C MSE C 17 19.91 18.19 -2.55
O MSE C 17 19.65 18.34 -1.34
CB MSE C 17 18.10 19.38 -3.89
CG MSE C 17 17.68 20.73 -4.48
SE MSE C 17 18.51 22.29 -3.61
CE MSE C 17 18.12 23.53 -5.05
N LYS C 18 20.54 17.12 -3.05
CA LYS C 18 21.00 16.06 -2.17
C LYS C 18 22.07 16.64 -1.26
N ASP C 19 22.98 17.43 -1.83
CA ASP C 19 24.04 18.07 -1.00
C ASP C 19 23.47 18.90 0.13
N VAL C 20 22.45 19.68 -0.20
CA VAL C 20 21.82 20.56 0.79
C VAL C 20 21.13 19.73 1.85
N ALA C 21 20.43 18.66 1.43
CA ALA C 21 19.77 17.70 2.32
C ALA C 21 20.77 17.13 3.31
N GLY C 22 21.94 16.72 2.81
CA GLY C 22 22.94 16.09 3.71
C GLY C 22 23.61 17.08 4.62
N TYR C 23 23.85 18.30 4.13
CA TYR C 23 24.30 19.41 4.98
C TYR C 23 23.32 19.63 6.16
N LYS C 24 22.02 19.63 5.86
CA LYS C 24 20.99 19.86 6.88
C LYS C 24 20.88 18.71 7.88
N ALA C 25 20.99 17.47 7.38
CA ALA C 25 20.95 16.27 8.19
C ALA C 25 22.13 16.22 9.13
N GLU C 26 23.35 16.43 8.61
CA GLU C 26 24.52 16.45 9.49
C GLU C 26 24.36 17.42 10.64
N ASN C 27 23.77 18.58 10.34
CA ASN C 27 23.62 19.63 11.35
C ASN C 27 22.32 19.65 12.14
N HIS C 28 21.43 18.67 11.87
CA HIS C 28 20.12 18.57 12.48
C HIS C 28 19.26 19.81 12.26
N LEU C 29 19.35 20.37 11.05
CA LEU C 29 18.60 21.59 10.72
C LEU C 29 17.31 21.22 9.99
N PRO C 30 16.26 22.04 10.18
CA PRO C 30 15.01 21.89 9.42
C PRO C 30 15.17 22.10 7.90
N ILE C 31 14.36 21.40 7.14
CA ILE C 31 14.42 21.55 5.70
C ILE C 31 13.89 22.93 5.28
N GLU C 32 12.84 23.36 5.94
CA GLU C 32 12.23 24.64 5.63
C GLU C 32 12.90 25.76 6.44
N ASP C 33 13.39 26.73 5.69
CA ASP C 33 14.06 27.88 6.28
C ASP C 33 13.50 29.08 5.54
N ARG C 34 12.51 29.76 6.11
CA ARG C 34 11.84 30.79 5.33
C ARG C 34 12.70 32.00 5.10
N ILE C 35 13.68 32.22 5.98
CA ILE C 35 14.64 33.30 5.74
C ILE C 35 15.44 33.02 4.45
N GLN C 36 15.98 31.81 4.33
CA GLN C 36 16.71 31.47 3.13
C GLN C 36 15.77 31.54 1.89
N GLU C 37 14.51 31.11 2.04
CA GLU C 37 13.62 31.12 0.86
C GLU C 37 13.33 32.58 0.40
N GLU C 38 13.08 33.49 1.33
CA GLU C 38 12.80 34.87 0.96
C GLU C 38 14.03 35.51 0.33
N LYS C 39 15.21 35.11 0.79
CA LYS C 39 16.45 35.59 0.20
C LYS C 39 16.60 35.12 -1.27
N VAL C 40 16.33 33.85 -1.51
CA VAL C 40 16.37 33.26 -2.86
C VAL C 40 15.30 33.95 -3.75
N ILE C 41 14.12 34.16 -3.17
CA ILE C 41 13.04 34.80 -3.94
C ILE C 41 13.37 36.26 -4.28
N ASN C 42 13.87 36.98 -3.28
CA ASN C 42 14.25 38.37 -3.47
C ASN C 42 15.42 38.54 -4.47
N SER C 43 16.41 37.65 -4.45
CA SER C 43 17.49 37.70 -5.44
C SER C 43 16.96 37.42 -6.87
N ALA C 44 16.10 36.41 -6.99
CA ALA C 44 15.54 36.10 -8.31
C ALA C 44 14.78 37.30 -8.83
N MSE C 45 13.99 37.94 -7.98
CA MSE C 45 13.18 39.06 -8.46
C MSE C 45 13.99 40.27 -8.89
O MSE C 45 13.58 40.96 -9.80
CB MSE C 45 12.09 39.46 -7.46
CG MSE C 45 10.84 38.50 -7.43
SE MSE C 45 9.69 39.01 -5.91
CE MSE C 45 9.13 40.85 -6.76
N ALA C 46 15.15 40.49 -8.27
CA ALA C 46 16.03 41.57 -8.68
C ALA C 46 16.72 41.28 -10.03
N GLN C 47 17.06 40.03 -10.30
CA GLN C 47 17.62 39.63 -11.58
C GLN C 47 16.64 39.69 -12.73
N ALA C 48 15.46 39.11 -12.51
CA ALA C 48 14.34 39.27 -13.43
C ALA C 48 14.32 40.73 -13.93
N GLU C 49 14.42 41.66 -12.99
CA GLU C 49 14.59 43.10 -13.24
C GLU C 49 15.70 43.46 -14.22
N SER C 50 16.94 43.00 -13.97
CA SER C 50 18.03 43.29 -14.91
C SER C 50 17.81 42.67 -16.31
N LEU C 51 17.10 41.53 -16.32
CA LEU C 51 16.89 40.75 -17.55
C LEU C 51 15.69 41.16 -18.38
N GLY C 52 14.95 42.18 -17.94
CA GLY C 52 13.75 42.59 -18.65
C GLY C 52 12.56 41.68 -18.46
N LEU C 53 12.56 40.90 -17.38
CA LEU C 53 11.37 40.09 -17.06
C LEU C 53 10.45 40.84 -16.08
N ASN C 54 9.15 40.56 -16.12
CA ASN C 54 8.24 41.05 -15.08
C ASN C 54 8.55 40.36 -13.72
N GLY C 55 8.89 41.15 -12.70
CA GLY C 55 9.41 40.64 -11.43
C GLY C 55 8.43 39.75 -10.69
N GLU C 56 7.18 40.18 -10.58
CA GLU C 56 6.17 39.38 -9.91
C GLU C 56 5.91 38.07 -10.66
N SER C 57 6.14 38.07 -11.99
CA SER C 57 5.83 36.88 -12.79
C SER C 57 6.78 35.71 -12.55
N ILE C 58 7.91 35.99 -11.93
CA ILE C 58 8.95 35.00 -11.65
C ILE C 58 8.77 34.27 -10.31
N LYS C 59 8.04 34.89 -9.40
CA LYS C 59 7.85 34.36 -8.05
C LYS C 59 7.19 32.97 -7.98
N PRO C 60 6.08 32.69 -8.73
CA PRO C 60 5.52 31.38 -8.69
C PRO C 60 6.54 30.31 -9.15
N LEU C 61 7.37 30.65 -10.14
CA LEU C 61 8.42 29.72 -10.56
C LEU C 61 9.46 29.52 -9.47
N MSE C 62 9.90 30.57 -8.78
CA MSE C 62 10.83 30.36 -7.67
C MSE C 62 10.21 29.45 -6.61
O MSE C 62 10.83 28.52 -6.11
CB MSE C 62 11.26 31.71 -7.11
CG MSE C 62 11.92 32.58 -8.17
SE MSE C 62 13.29 31.63 -9.27
CE MSE C 62 14.46 30.95 -7.79
N VAL C 63 8.97 29.75 -6.24
CA VAL C 63 8.20 28.95 -5.27
C VAL C 63 8.13 27.47 -5.73
N ALA C 64 7.83 27.27 -7.01
CA ALA C 64 7.74 25.90 -7.57
C ALA C 64 9.08 25.20 -7.48
N GLN C 65 10.16 25.90 -7.85
CA GLN C 65 11.50 25.31 -7.80
C GLN C 65 11.93 25.05 -6.34
N ILE C 66 11.63 25.99 -5.44
CA ILE C 66 11.90 25.80 -4.01
C ILE C 66 11.11 24.60 -3.40
N ASN C 67 9.84 24.44 -3.78
CA ASN C 67 9.04 23.29 -3.35
C ASN C 67 9.62 21.94 -3.81
N ALA C 68 10.05 21.90 -5.06
CA ALA C 68 10.66 20.70 -5.65
C ALA C 68 11.91 20.38 -4.90
N ALA C 69 12.72 21.41 -4.63
CA ALA C 69 13.95 21.26 -3.87
C ALA C 69 13.68 20.74 -2.46
N LYS C 70 12.71 21.32 -1.77
CA LYS C 70 12.33 20.82 -0.44
C LYS C 70 11.85 19.36 -0.46
N ALA C 71 11.06 18.99 -1.48
CA ALA C 71 10.53 17.62 -1.56
C ALA C 71 11.68 16.61 -1.67
N ILE C 72 12.65 16.92 -2.53
CA ILE C 72 13.81 16.12 -2.65
C ILE C 72 14.56 15.96 -1.33
N GLN C 73 14.70 17.08 -0.61
CA GLN C 73 15.50 17.10 0.60
C GLN C 73 14.83 16.26 1.68
N TYR C 74 13.53 16.48 1.81
CA TYR C 74 12.71 15.75 2.76
C TYR C 74 12.76 14.24 2.49
N ARG C 75 12.72 13.85 1.22
CA ARG C 75 12.83 12.44 0.80
C ARG C 75 14.18 11.82 1.12
N TYR C 76 15.30 12.51 0.82
CA TYR C 76 16.55 12.09 1.38
C TYR C 76 16.57 11.99 2.91
N ARG C 77 16.05 13.00 3.62
CA ARG C 77 16.08 12.92 5.08
C ARG C 77 15.38 11.64 5.54
N ALA C 78 14.22 11.37 4.95
CA ALA C 78 13.45 10.15 5.23
C ALA C 78 14.30 8.90 5.01
N ASP C 79 14.89 8.79 3.81
CA ASP C 79 15.72 7.65 3.39
C ASP C 79 16.93 7.43 4.26
N TRP C 80 17.62 8.49 4.66
CA TRP C 80 18.78 8.32 5.49
C TRP C 80 18.52 7.78 6.91
N LEU C 81 17.30 7.87 7.42
CA LEU C 81 17.05 7.39 8.80
C LEU C 81 17.25 5.88 8.96
N SER C 82 16.83 5.11 7.96
CA SER C 82 17.06 3.70 8.02
C SER C 82 18.14 3.25 7.02
N GLN C 83 18.49 4.08 6.02
CA GLN C 83 19.60 3.73 5.10
C GLN C 83 20.60 4.88 4.88
N PRO C 84 21.46 5.16 5.87
CA PRO C 84 22.35 6.35 5.98
C PRO C 84 23.52 6.67 5.01
N GLU C 85 23.78 5.93 3.93
CA GLU C 85 24.86 6.38 2.97
C GLU C 85 26.20 6.87 3.57
N PRO C 86 26.81 6.11 4.51
CA PRO C 86 28.05 6.65 5.12
C PRO C 86 29.17 6.78 4.06
N GLY C 87 30.09 7.70 4.24
CA GLY C 87 30.99 8.00 3.09
C GLY C 87 30.38 8.34 1.71
N TRP C 88 29.11 8.77 1.67
CA TRP C 88 28.79 9.87 0.76
C TRP C 88 28.79 11.03 1.71
N GLN C 89 29.45 12.10 1.33
CA GLN C 89 29.51 13.28 2.17
C GLN C 89 29.10 14.48 1.32
N PRO C 90 28.21 15.34 1.82
CA PRO C 90 27.82 16.54 1.08
C PRO C 90 28.98 17.52 0.88
N LYS C 91 28.90 18.26 -0.22
CA LYS C 91 29.84 19.34 -0.50
C LYS C 91 29.64 20.52 0.46
N PRO C 92 30.67 21.38 0.61
CA PRO C 92 30.53 22.49 1.52
C PRO C 92 29.39 23.39 1.06
N LEU C 93 28.55 23.81 2.00
CA LEU C 93 27.34 24.52 1.70
C LEU C 93 27.55 25.76 0.86
N ASP C 94 28.53 26.58 1.24
CA ASP C 94 28.82 27.84 0.49
C ASP C 94 29.11 27.56 -0.98
N ASP C 95 29.82 26.47 -1.27
CA ASP C 95 30.08 26.06 -2.67
C ASP C 95 28.77 25.66 -3.41
N VAL C 96 27.98 24.83 -2.76
CA VAL C 96 26.73 24.33 -3.34
C VAL C 96 25.79 25.52 -3.61
N ARG C 97 25.67 26.42 -2.64
CA ARG C 97 24.78 27.56 -2.81
C ARG C 97 25.21 28.51 -3.92
N ALA C 98 26.52 28.66 -4.11
CA ALA C 98 27.05 29.49 -5.19
C ALA C 98 26.64 28.87 -6.52
N ASN C 99 26.85 27.58 -6.68
CA ASN C 99 26.36 26.84 -7.85
C ASN C 99 24.88 26.95 -8.12
N ILE C 100 24.11 26.84 -7.06
CA ILE C 100 22.69 26.90 -7.17
C ILE C 100 22.27 28.29 -7.63
N GLY C 101 22.89 29.32 -7.04
CA GLY C 101 22.57 30.72 -7.35
C GLY C 101 22.98 31.01 -8.81
N GLU C 102 24.17 30.51 -9.19
CA GLU C 102 24.62 30.62 -10.59
C GLU C 102 23.56 30.01 -11.57
N LEU C 103 23.00 28.86 -11.25
CA LEU C 103 22.04 28.23 -12.14
C LEU C 103 20.75 29.00 -12.13
N SER C 104 20.38 29.51 -10.96
CA SER C 104 19.15 30.23 -10.89
C SER C 104 19.19 31.42 -11.92
N THR C 105 20.36 32.08 -11.99
CA THR C 105 20.64 33.17 -12.95
C THR C 105 20.57 32.71 -14.40
N LYS C 106 21.25 31.63 -14.72
CA LYS C 106 21.14 30.96 -16.02
C LYS C 106 19.74 30.57 -16.43
N ILE C 107 18.93 30.14 -15.47
CA ILE C 107 17.56 29.80 -15.81
C ILE C 107 16.82 31.05 -16.23
N LEU C 108 17.04 32.14 -15.50
CA LEU C 108 16.24 33.34 -15.79
C LEU C 108 16.69 34.03 -17.10
N GLU C 109 18.00 34.06 -17.34
CA GLU C 109 18.64 34.46 -18.62
C GLU C 109 18.08 33.66 -19.79
N GLN C 110 18.06 32.32 -19.64
CA GLN C 110 17.50 31.48 -20.68
C GLN C 110 16.06 31.80 -20.97
N ILE C 111 15.24 31.90 -19.92
CA ILE C 111 13.84 32.23 -20.10
C ILE C 111 13.65 33.61 -20.78
N ALA C 112 14.46 34.59 -20.36
CA ALA C 112 14.36 35.94 -20.92
C ALA C 112 14.64 35.85 -22.43
N GLU C 113 15.74 35.22 -22.80
CA GLU C 113 16.12 35.10 -24.21
C GLU C 113 15.07 34.35 -25.04
N GLU C 114 14.54 33.24 -24.54
CA GLU C 114 13.52 32.48 -25.28
C GLU C 114 12.18 33.22 -25.46
N LEU C 115 11.81 34.02 -24.48
CA LEU C 115 10.59 34.83 -24.59
C LEU C 115 10.77 35.91 -25.65
N LYS C 116 11.98 36.45 -25.72
CA LYS C 116 12.35 37.55 -26.64
C LYS C 116 12.43 37.12 -28.10
N THR C 117 12.45 35.80 -28.34
CA THR C 117 12.44 35.25 -29.72
C THR C 117 11.33 34.18 -29.96
N CYS C 118 11.56 32.96 -29.45
CA CYS C 118 10.80 31.73 -29.79
C CYS C 118 9.26 31.77 -29.70
N LYS C 119 8.59 30.83 -30.39
CA LYS C 119 7.18 30.46 -30.14
C LYS C 119 7.11 29.71 -28.82
N PRO C 120 5.93 29.69 -28.18
CA PRO C 120 5.75 28.73 -27.07
C PRO C 120 5.78 27.25 -27.56
N ALA C 121 5.53 27.05 -28.86
CA ALA C 121 5.68 25.73 -29.48
C ALA C 121 7.14 25.40 -29.84
N GLU C 122 8.00 26.42 -29.87
CA GLU C 122 9.47 26.22 -30.01
C GLU C 122 10.15 25.94 -28.65
N MSE C 123 9.41 26.24 -27.58
CA MSE C 123 9.87 26.02 -26.21
C MSE C 123 9.21 24.74 -25.65
O MSE C 123 8.13 24.33 -26.14
CB MSE C 123 9.50 27.22 -25.33
CG MSE C 123 10.23 28.52 -25.70
SE MSE C 123 9.72 30.03 -24.55
CE MSE C 123 8.28 30.86 -25.65
N GLY C 124 9.85 24.15 -24.65
CA GLY C 124 9.40 22.87 -24.05
C GLY C 124 7.93 22.79 -23.63
N ASP C 125 7.28 21.70 -24.05
CA ASP C 125 5.93 21.36 -23.59
C ASP C 125 6.02 20.43 -22.37
N LYS C 126 4.86 20.09 -21.82
CA LYS C 126 4.78 19.35 -20.57
C LYS C 126 5.68 18.12 -20.59
N ALA C 127 5.55 17.30 -21.64
CA ALA C 127 6.29 16.03 -21.78
C ALA C 127 7.79 16.23 -21.78
N HIS C 128 8.24 17.24 -22.51
CA HIS C 128 9.65 17.58 -22.55
C HIS C 128 10.28 17.88 -21.17
N PHE C 129 9.57 18.69 -20.37
CA PHE C 129 9.90 18.90 -18.95
C PHE C 129 9.96 17.60 -18.13
N ILE C 130 8.87 16.83 -18.19
CA ILE C 130 8.87 15.52 -17.54
C ILE C 130 10.13 14.69 -17.86
N ASN C 131 10.53 14.68 -19.12
CA ASN C 131 11.64 13.83 -19.52
C ASN C 131 13.01 14.39 -19.19
N THR C 132 13.08 15.70 -19.10
CA THR C 132 14.38 16.34 -18.97
C THR C 132 14.70 16.51 -17.49
N ILE C 133 13.69 16.84 -16.71
CA ILE C 133 13.89 17.03 -15.31
C ILE C 133 13.60 15.72 -14.56
N ARG C 134 14.67 14.92 -14.41
CA ARG C 134 14.63 13.61 -13.74
C ARG C 134 15.74 13.60 -12.68
N GLN C 135 15.34 13.42 -11.43
CA GLN C 135 16.27 13.40 -10.31
C GLN C 135 15.65 12.39 -9.36
N HIS C 136 16.51 11.66 -8.66
CA HIS C 136 16.08 10.80 -7.58
C HIS C 136 15.34 11.68 -6.55
N ASN C 137 14.21 11.18 -6.05
CA ASN C 137 13.44 11.85 -5.00
C ASN C 137 12.60 13.03 -5.48
N LEU C 138 12.38 13.10 -6.77
CA LEU C 138 11.58 14.17 -7.38
C LEU C 138 10.46 13.49 -8.16
N THR C 139 9.22 13.92 -8.01
CA THR C 139 8.13 13.25 -8.69
C THR C 139 7.65 14.08 -9.86
N SER C 140 6.73 13.50 -10.65
CA SER C 140 6.10 14.17 -11.77
C SER C 140 5.33 15.37 -11.31
N ALA C 141 4.62 15.23 -10.18
CA ALA C 141 3.83 16.33 -9.69
C ALA C 141 4.73 17.50 -9.32
N ASP C 142 5.88 17.23 -8.72
CA ASP C 142 6.89 18.29 -8.49
C ASP C 142 7.28 18.98 -9.80
N VAL C 143 7.51 18.20 -10.86
CA VAL C 143 7.99 18.78 -12.14
C VAL C 143 6.86 19.53 -12.86
N GLU C 144 5.65 18.96 -12.86
CA GLU C 144 4.46 19.64 -13.40
C GLU C 144 4.19 21.05 -12.82
N ALA C 145 4.32 21.23 -11.50
CA ALA C 145 4.18 22.58 -10.89
C ALA C 145 5.28 23.53 -11.37
N ILE C 146 6.44 22.98 -11.67
CA ILE C 146 7.49 23.84 -12.19
C ILE C 146 7.07 24.30 -13.57
N PHE C 147 6.42 23.42 -14.32
CA PHE C 147 6.16 23.70 -15.71
C PHE C 147 5.05 24.72 -15.83
N SER C 148 3.99 24.52 -15.05
CA SER C 148 2.87 25.46 -15.09
C SER C 148 3.30 26.88 -14.68
N THR C 149 4.21 27.02 -13.73
CA THR C 149 4.67 28.39 -13.34
C THR C 149 5.69 28.99 -14.36
N PHE C 150 6.50 28.11 -14.90
CA PHE C 150 7.40 28.44 -16.01
C PHE C 150 6.62 29.23 -17.11
N ASN C 151 5.44 28.72 -17.43
CA ASN C 151 4.49 29.31 -18.37
C ASN C 151 3.87 30.66 -17.97
N GLN C 152 4.03 31.07 -16.71
CA GLN C 152 3.46 32.34 -16.22
C GLN C 152 4.48 33.44 -16.32
N VAL C 153 5.74 33.08 -16.55
CA VAL C 153 6.82 34.07 -16.61
C VAL C 153 6.63 34.90 -17.90
N LYS C 154 6.69 36.22 -17.75
CA LYS C 154 6.49 37.10 -18.89
C LYS C 154 7.53 38.24 -18.89
N LEU C 155 7.70 38.85 -20.07
CA LEU C 155 8.56 40.01 -20.26
C LEU C 155 7.95 41.26 -19.66
N LYS C 156 8.80 42.23 -19.35
CA LYS C 156 8.40 43.56 -18.88
C LYS C 156 9.52 44.29 -18.16
N GLN D 2 -0.80 -11.15 25.09
CA GLN D 2 -1.09 -12.36 24.22
C GLN D 2 -0.16 -12.45 23.01
N CYS D 3 0.59 -13.56 22.94
CA CYS D 3 1.72 -13.71 21.99
C CYS D 3 1.44 -13.28 20.53
N GLY D 4 2.36 -12.46 19.99
CA GLY D 4 2.28 -11.94 18.62
C GLY D 4 1.62 -10.58 18.58
N GLN D 5 1.34 -9.99 19.74
CA GLN D 5 0.63 -8.71 19.76
C GLN D 5 1.54 -7.50 19.80
N THR D 6 2.84 -7.67 19.80
CA THR D 6 3.75 -6.53 19.81
C THR D 6 3.71 -5.75 18.49
N ALA D 7 3.96 -6.42 17.38
CA ALA D 7 3.94 -5.77 16.06
C ALA D 7 2.69 -4.96 15.72
N PRO D 8 1.48 -5.54 15.95
CA PRO D 8 0.23 -4.77 15.83
C PRO D 8 0.23 -3.47 16.64
N LEU D 9 0.84 -3.48 17.83
CA LEU D 9 0.92 -2.23 18.61
C LEU D 9 1.92 -1.24 17.99
N ILE D 10 3.05 -1.75 17.53
CA ILE D 10 4.05 -0.88 16.88
C ILE D 10 3.39 -0.20 15.64
N ASN D 11 2.61 -0.97 14.89
CA ASN D 11 1.86 -0.44 13.75
C ASN D 11 0.89 0.66 14.15
N GLU D 12 0.13 0.43 15.21
CA GLU D 12 -0.85 1.43 15.59
C GLU D 12 -0.18 2.74 16.04
N ARG D 13 1.03 2.62 16.61
CA ARG D 13 1.74 3.85 16.99
C ARG D 13 2.00 4.72 15.75
N LEU D 14 2.39 4.07 14.66
CA LEU D 14 2.71 4.73 13.44
C LEU D 14 1.51 5.32 12.70
N SER D 15 0.30 4.80 12.95
CA SER D 15 -0.94 5.26 12.35
C SER D 15 -1.25 6.71 12.70
N TYR D 16 -0.57 7.24 13.70
CA TYR D 16 -0.79 8.62 14.16
C TYR D 16 0.13 9.61 13.48
N MSE D 17 1.09 9.14 12.70
CA MSE D 17 2.14 10.01 12.20
C MSE D 17 1.71 10.98 11.08
O MSE D 17 2.34 12.02 10.90
CB MSE D 17 3.38 9.15 11.84
CG MSE D 17 3.96 8.48 13.13
SE MSE D 17 4.20 9.76 14.60
CE MSE D 17 4.43 8.37 15.98
N LYS D 18 0.64 10.63 10.36
CA LYS D 18 0.01 11.56 9.40
C LYS D 18 -0.60 12.76 10.15
N ASP D 19 -1.20 12.52 11.32
CA ASP D 19 -1.71 13.67 12.07
C ASP D 19 -0.56 14.52 12.54
N VAL D 20 0.50 13.89 13.02
CA VAL D 20 1.66 14.64 13.56
C VAL D 20 2.25 15.50 12.45
N ALA D 21 2.52 14.89 11.31
CA ALA D 21 3.08 15.57 10.12
C ALA D 21 2.20 16.72 9.64
N GLY D 22 0.88 16.50 9.59
CA GLY D 22 -0.05 17.56 9.17
C GLY D 22 -0.03 18.76 10.10
N TYR D 23 -0.06 18.51 11.42
CA TYR D 23 -0.03 19.56 12.42
C TYR D 23 1.30 20.36 12.34
N LYS D 24 2.41 19.62 12.29
CA LYS D 24 3.71 20.27 12.07
C LYS D 24 3.70 21.07 10.77
N ALA D 25 3.11 20.50 9.73
CA ALA D 25 3.09 21.19 8.44
C ALA D 25 2.31 22.52 8.54
N GLU D 26 1.13 22.48 9.17
CA GLU D 26 0.28 23.67 9.31
C GLU D 26 0.88 24.77 10.15
N ASN D 27 1.70 24.39 11.14
CA ASN D 27 2.34 25.30 12.04
C ASN D 27 3.82 25.57 11.77
N HIS D 28 4.28 25.10 10.62
CA HIS D 28 5.68 25.17 10.16
C HIS D 28 6.67 24.79 11.26
N LEU D 29 6.39 23.60 11.85
CA LEU D 29 7.24 23.00 12.88
C LEU D 29 8.15 21.99 12.19
N PRO D 30 9.42 21.92 12.61
CA PRO D 30 10.33 20.97 12.02
C PRO D 30 9.89 19.56 12.40
N ILE D 31 10.08 18.58 11.52
CA ILE D 31 9.86 17.15 11.86
C ILE D 31 10.72 16.70 13.07
N GLU D 32 12.02 17.01 13.03
CA GLU D 32 12.91 16.63 14.11
C GLU D 32 12.81 17.62 15.28
N ASP D 33 12.62 17.11 16.50
CA ASP D 33 12.54 17.95 17.70
C ASP D 33 13.35 17.20 18.71
N ARG D 34 14.63 17.56 18.85
CA ARG D 34 15.50 16.76 19.70
C ARG D 34 14.99 16.72 21.14
N ILE D 35 14.39 17.80 21.61
CA ILE D 35 13.88 17.76 22.98
C ILE D 35 12.70 16.80 23.14
N GLN D 36 11.77 16.78 22.18
CA GLN D 36 10.68 15.78 22.23
C GLN D 36 11.20 14.36 22.10
N GLU D 37 12.19 14.16 21.23
CA GLU D 37 12.74 12.81 21.05
C GLU D 37 13.39 12.25 22.33
N GLU D 38 14.11 13.09 23.05
CA GLU D 38 14.75 12.69 24.31
C GLU D 38 13.78 12.49 25.45
N LYS D 39 12.80 13.38 25.56
CA LYS D 39 11.62 13.15 26.43
C LYS D 39 11.02 11.73 26.20
N VAL D 40 10.71 11.40 24.96
CA VAL D 40 10.14 10.08 24.62
C VAL D 40 11.12 8.91 24.97
N ILE D 41 12.40 9.06 24.61
CA ILE D 41 13.37 8.02 24.89
C ILE D 41 13.57 7.83 26.41
N ASN D 42 13.77 8.91 27.14
CA ASN D 42 13.94 8.82 28.57
C ASN D 42 12.68 8.34 29.28
N SER D 43 11.55 8.87 28.84
CA SER D 43 10.28 8.40 29.31
C SER D 43 10.16 6.87 29.12
N ALA D 44 10.47 6.37 27.94
CA ALA D 44 10.42 4.92 27.68
C ALA D 44 11.36 4.10 28.59
N MSE D 45 12.57 4.58 28.78
CA MSE D 45 13.53 3.85 29.64
C MSE D 45 13.04 3.80 31.09
O MSE D 45 13.02 2.74 31.68
CB MSE D 45 14.91 4.49 29.57
CG MSE D 45 15.66 4.14 28.28
SE MSE D 45 17.34 5.19 28.22
CE MSE D 45 17.89 4.99 30.12
N ALA D 46 12.64 4.95 31.65
CA ALA D 46 12.01 5.00 33.00
C ALA D 46 10.83 4.05 33.10
N GLN D 47 9.89 4.14 32.18
CA GLN D 47 8.74 3.22 32.14
C GLN D 47 9.11 1.74 31.95
N ALA D 48 10.08 1.47 31.10
CA ALA D 48 10.50 0.11 30.85
C ALA D 48 11.07 -0.49 32.13
N GLU D 49 11.80 0.31 32.91
CA GLU D 49 12.39 -0.17 34.17
C GLU D 49 11.29 -0.59 35.13
N SER D 50 10.29 0.26 35.31
CA SER D 50 9.13 -0.10 36.18
C SER D 50 8.37 -1.37 35.71
N LEU D 51 8.51 -1.74 34.45
CA LEU D 51 7.89 -2.95 33.91
C LEU D 51 8.88 -4.12 33.87
N GLY D 52 9.99 -4.00 34.60
CA GLY D 52 10.96 -5.09 34.66
C GLY D 52 11.72 -5.36 33.38
N LEU D 53 11.90 -4.30 32.58
CA LEU D 53 12.74 -4.36 31.39
C LEU D 53 14.04 -3.59 31.60
N ASN D 54 15.14 -4.09 31.00
CA ASN D 54 16.37 -3.32 30.81
C ASN D 54 16.00 -2.41 29.60
N GLY D 55 15.79 -1.11 29.78
CA GLY D 55 16.63 -0.14 30.39
C GLY D 55 17.20 0.51 29.11
N GLU D 56 18.52 0.54 29.03
CA GLU D 56 19.19 0.87 27.80
C GLU D 56 18.97 -0.20 26.72
N SER D 57 18.58 -1.43 27.08
CA SER D 57 18.28 -2.47 26.05
C SER D 57 17.10 -2.06 25.09
N ILE D 58 16.31 -1.10 25.56
CA ILE D 58 15.11 -0.62 24.89
C ILE D 58 15.40 0.57 23.96
N LYS D 59 16.55 1.20 24.17
CA LYS D 59 16.86 2.42 23.47
C LYS D 59 16.86 2.28 21.96
N PRO D 60 17.57 1.28 21.40
CA PRO D 60 17.59 1.10 19.94
C PRO D 60 16.22 0.85 19.29
N LEU D 61 15.33 0.20 20.02
CA LEU D 61 13.96 -0.01 19.57
C LEU D 61 13.24 1.33 19.55
N MSE D 62 13.40 2.12 20.60
CA MSE D 62 12.78 3.43 20.68
C MSE D 62 13.26 4.31 19.52
O MSE D 62 12.45 4.88 18.82
CB MSE D 62 13.05 4.12 22.01
CG MSE D 62 12.33 3.45 23.18
SE MSE D 62 10.48 2.85 22.80
CE MSE D 62 9.62 4.60 22.62
N VAL D 63 14.58 4.38 19.33
CA VAL D 63 15.14 5.14 18.23
C VAL D 63 14.58 4.71 16.85
N ALA D 64 14.54 3.39 16.61
CA ALA D 64 14.00 2.84 15.35
C ALA D 64 12.55 3.19 15.08
N GLN D 65 11.76 3.23 16.15
CA GLN D 65 10.35 3.63 16.08
C GLN D 65 10.15 5.11 15.77
N ILE D 66 10.91 5.96 16.45
CA ILE D 66 10.96 7.37 16.17
C ILE D 66 11.46 7.66 14.75
N ASN D 67 12.51 6.97 14.31
CA ASN D 67 13.02 7.08 12.92
C ASN D 67 11.97 6.68 11.91
N ALA D 68 11.35 5.51 12.10
CA ALA D 68 10.23 5.14 11.24
C ALA D 68 9.16 6.22 11.22
N ALA D 69 8.84 6.78 12.38
CA ALA D 69 7.82 7.79 12.46
C ALA D 69 8.21 9.10 11.73
N LYS D 70 9.48 9.51 11.88
CA LYS D 70 9.99 10.70 11.17
C LYS D 70 10.03 10.49 9.68
N ALA D 71 10.40 9.28 9.26
CA ALA D 71 10.41 8.92 7.87
C ALA D 71 9.02 9.08 7.27
N ILE D 72 7.95 8.58 7.95
CA ILE D 72 6.59 8.78 7.45
C ILE D 72 6.29 10.31 7.35
N GLN D 73 6.52 11.04 8.43
CA GLN D 73 6.28 12.49 8.45
C GLN D 73 7.00 13.27 7.34
N TYR D 74 8.29 12.99 7.17
CA TYR D 74 9.12 13.70 6.16
C TYR D 74 8.54 13.44 4.81
N ARG D 75 8.11 12.18 4.54
CA ARG D 75 7.49 11.87 3.24
C ARG D 75 6.17 12.54 2.97
N TYR D 76 5.30 12.65 3.99
CA TYR D 76 4.07 13.42 3.84
C TYR D 76 4.42 14.87 3.57
N ARG D 77 5.34 15.48 4.31
CA ARG D 77 5.68 16.90 4.05
C ARG D 77 6.13 17.07 2.61
N ALA D 78 6.89 16.13 2.11
CA ALA D 78 7.37 16.15 0.72
C ALA D 78 6.22 16.05 -0.31
N ASP D 79 5.31 15.09 -0.12
CA ASP D 79 4.22 14.91 -1.03
C ASP D 79 3.30 16.11 -1.01
N TRP D 80 3.06 16.65 0.19
CA TRP D 80 2.12 17.76 0.31
C TRP D 80 2.53 19.01 -0.39
N LEU D 81 3.81 19.17 -0.72
CA LEU D 81 4.27 20.38 -1.41
C LEU D 81 3.63 20.50 -2.79
N SER D 82 3.61 19.41 -3.55
CA SER D 82 2.97 19.41 -4.89
C SER D 82 1.59 18.75 -4.91
N GLN D 83 1.27 17.93 -3.91
CA GLN D 83 -0.08 17.36 -3.76
C GLN D 83 -0.66 17.39 -2.32
N PRO D 84 -1.23 18.52 -1.90
CA PRO D 84 -2.10 18.52 -0.65
C PRO D 84 -3.31 17.66 -1.04
N GLU D 85 -3.95 16.84 -0.25
CA GLU D 85 -4.47 16.90 1.09
C GLU D 85 -5.48 17.81 1.75
N PRO D 86 -6.57 18.21 0.96
CA PRO D 86 -7.75 18.98 1.40
C PRO D 86 -8.57 18.38 2.56
N GLY D 87 -8.93 17.09 2.43
CA GLY D 87 -9.70 16.38 3.47
C GLY D 87 -8.88 16.00 4.71
N TRP D 88 -7.55 16.14 4.67
CA TRP D 88 -6.74 15.89 5.88
C TRP D 88 -6.81 17.03 6.91
N GLN D 89 -7.58 16.84 7.98
CA GLN D 89 -7.53 17.77 9.07
C GLN D 89 -6.81 17.14 10.27
N PRO D 90 -5.59 17.60 10.61
CA PRO D 90 -4.79 17.02 11.69
C PRO D 90 -5.45 17.20 13.05
N LYS D 91 -5.55 16.13 13.83
CA LYS D 91 -6.01 16.23 15.23
C LYS D 91 -5.03 17.06 16.08
N PRO D 92 -5.48 17.63 17.21
CA PRO D 92 -4.55 18.44 18.03
C PRO D 92 -3.31 17.64 18.49
N LEU D 93 -2.13 18.23 18.39
CA LEU D 93 -0.89 17.49 18.60
C LEU D 93 -0.72 16.92 20.02
N ASP D 94 -1.14 17.67 21.02
CA ASP D 94 -1.07 17.12 22.38
C ASP D 94 -1.94 15.87 22.52
N ASP D 95 -3.13 15.89 21.94
CA ASP D 95 -4.00 14.70 22.01
C ASP D 95 -3.40 13.52 21.30
N VAL D 96 -2.84 13.76 20.13
CA VAL D 96 -2.17 12.72 19.34
C VAL D 96 -0.95 12.19 20.07
N ARG D 97 -0.18 13.08 20.72
CA ARG D 97 1.00 12.63 21.52
C ARG D 97 0.61 11.75 22.74
N ALA D 98 -0.50 12.04 23.38
CA ALA D 98 -1.01 11.20 24.51
C ALA D 98 -1.37 9.79 24.01
N ASN D 99 -1.99 9.74 22.85
CA ASN D 99 -2.34 8.49 22.19
C ASN D 99 -1.08 7.70 21.79
N ILE D 100 -0.09 8.39 21.22
CA ILE D 100 1.20 7.75 20.90
C ILE D 100 1.90 7.24 22.18
N GLY D 101 1.91 8.08 23.22
CA GLY D 101 2.58 7.73 24.48
C GLY D 101 1.93 6.51 25.12
N GLU D 102 0.61 6.43 25.04
CA GLU D 102 -0.12 5.33 25.63
C GLU D 102 0.25 4.06 24.86
N LEU D 103 0.31 4.11 23.54
CA LEU D 103 0.84 2.95 22.81
C LEU D 103 2.28 2.56 23.11
N SER D 104 3.18 3.54 23.22
CA SER D 104 4.58 3.24 23.63
C SER D 104 4.62 2.39 24.92
N THR D 105 3.87 2.82 25.93
CA THR D 105 3.68 2.08 27.20
C THR D 105 3.16 0.66 26.95
N LYS D 106 2.10 0.55 26.15
CA LYS D 106 1.50 -0.78 25.86
C LYS D 106 2.45 -1.66 25.12
N ILE D 107 3.30 -1.07 24.28
CA ILE D 107 4.31 -1.82 23.55
C ILE D 107 5.34 -2.41 24.53
N LEU D 108 5.79 -1.60 25.48
CA LEU D 108 6.74 -2.04 26.50
C LEU D 108 6.12 -3.15 27.36
N GLU D 109 4.88 -2.93 27.87
CA GLU D 109 4.13 -3.93 28.64
C GLU D 109 4.10 -5.23 27.84
N GLN D 110 3.64 -5.16 26.58
CA GLN D 110 3.50 -6.37 25.74
C GLN D 110 4.80 -7.13 25.54
N ILE D 111 5.88 -6.39 25.30
CA ILE D 111 7.23 -6.95 25.14
C ILE D 111 7.65 -7.64 26.46
N ALA D 112 7.42 -6.99 27.59
CA ALA D 112 7.70 -7.57 28.91
C ALA D 112 6.86 -8.83 29.18
N GLU D 113 5.57 -8.80 28.87
CA GLU D 113 4.78 -10.05 29.00
C GLU D 113 5.32 -11.18 28.10
N GLU D 114 5.77 -10.87 26.90
CA GLU D 114 6.12 -11.91 25.92
C GLU D 114 7.50 -12.54 26.15
N LEU D 115 8.43 -11.71 26.65
CA LEU D 115 9.77 -12.15 27.01
C LEU D 115 9.71 -13.18 28.13
N LYS D 116 8.95 -12.87 29.18
CA LYS D 116 8.75 -13.77 30.30
C LYS D 116 8.16 -15.11 29.88
N THR D 117 7.41 -15.12 28.77
CA THR D 117 6.36 -16.12 28.60
C THR D 117 6.24 -16.86 27.25
N CYS D 118 6.47 -16.21 26.12
CA CYS D 118 6.28 -16.87 24.83
C CYS D 118 7.54 -17.60 24.39
N LYS D 119 7.35 -18.74 23.70
CA LYS D 119 8.44 -19.49 23.07
C LYS D 119 9.10 -18.64 21.96
N PRO D 120 10.46 -18.67 21.88
CA PRO D 120 11.25 -18.12 20.76
C PRO D 120 10.62 -18.29 19.38
N ALA D 121 10.51 -19.54 18.91
CA ALA D 121 9.84 -19.85 17.63
C ALA D 121 8.57 -19.00 17.45
N GLU D 122 7.52 -19.34 18.21
CA GLU D 122 6.28 -18.54 18.24
C GLU D 122 6.46 -17.02 17.99
N MSE D 123 7.38 -16.38 18.72
CA MSE D 123 7.58 -14.93 18.56
C MSE D 123 7.82 -14.54 17.10
O MSE D 123 8.57 -15.19 16.37
CB MSE D 123 8.71 -14.39 19.47
CG MSE D 123 8.39 -14.39 20.95
SE MSE D 123 9.29 -12.95 21.93
CE MSE D 123 9.85 -13.95 23.52
N GLY D 124 7.14 -13.45 16.69
CA GLY D 124 7.11 -12.99 15.29
C GLY D 124 8.37 -13.14 14.47
N ASP D 125 8.18 -13.50 13.20
CA ASP D 125 9.30 -13.53 12.26
C ASP D 125 9.25 -12.26 11.41
N LYS D 126 10.14 -12.17 10.44
CA LYS D 126 10.35 -10.94 9.71
C LYS D 126 9.19 -10.67 8.76
N ALA D 127 8.78 -11.73 8.05
CA ALA D 127 7.63 -11.72 7.18
C ALA D 127 6.37 -11.21 7.89
N HIS D 128 6.13 -11.68 9.14
CA HIS D 128 4.96 -11.28 9.94
C HIS D 128 5.09 -9.85 10.38
N PHE D 129 6.31 -9.45 10.75
CA PHE D 129 6.54 -8.03 11.00
C PHE D 129 6.27 -7.15 9.83
N ILE D 130 6.68 -7.60 8.65
CA ILE D 130 6.47 -6.84 7.42
C ILE D 130 5.00 -6.76 7.05
N ASN D 131 4.27 -7.90 7.10
CA ASN D 131 2.83 -7.85 6.85
C ASN D 131 2.14 -6.90 7.82
N THR D 132 2.51 -6.97 9.10
CA THR D 132 1.77 -6.26 10.14
C THR D 132 2.03 -4.74 10.13
N ILE D 133 3.27 -4.36 9.91
CA ILE D 133 3.68 -2.97 10.00
C ILE D 133 3.62 -2.41 8.58
N ARG D 134 2.44 -1.93 8.22
CA ARG D 134 2.19 -1.44 6.89
C ARG D 134 1.62 -0.06 7.11
N GLN D 135 2.33 0.94 6.60
CA GLN D 135 1.82 2.27 6.57
C GLN D 135 2.29 2.81 5.21
N HIS D 136 1.50 3.75 4.72
CA HIS D 136 1.87 4.46 3.52
C HIS D 136 3.10 5.24 4.02
N ASN D 137 4.17 5.29 3.21
CA ASN D 137 5.30 6.19 3.49
C ASN D 137 6.32 5.60 4.42
N LEU D 138 6.21 4.28 4.61
CA LEU D 138 7.09 3.47 5.41
C LEU D 138 7.73 2.42 4.49
N THR D 139 9.04 2.27 4.51
CA THR D 139 9.65 1.32 3.61
C THR D 139 10.00 0.04 4.33
N SER D 140 10.42 -0.96 3.55
CA SER D 140 10.93 -2.21 4.10
C SER D 140 12.13 -1.99 4.99
N ALA D 141 13.05 -1.12 4.55
CA ALA D 141 14.18 -0.72 5.38
C ALA D 141 13.79 -0.14 6.76
N ASP D 142 12.74 0.71 6.79
CA ASP D 142 12.20 1.23 8.06
C ASP D 142 11.72 0.11 9.00
N VAL D 143 10.93 -0.81 8.44
CA VAL D 143 10.34 -1.89 9.23
C VAL D 143 11.44 -2.84 9.74
N GLU D 144 12.40 -3.15 8.86
CA GLU D 144 13.56 -3.95 9.20
C GLU D 144 14.45 -3.35 10.30
N ALA D 145 14.64 -2.02 10.34
CA ALA D 145 15.34 -1.47 11.50
C ALA D 145 14.59 -1.73 12.80
N ILE D 146 13.26 -1.62 12.79
CA ILE D 146 12.45 -1.88 14.01
C ILE D 146 12.58 -3.36 14.40
N PHE D 147 12.50 -4.23 13.40
CA PHE D 147 12.56 -5.65 13.65
C PHE D 147 13.88 -6.08 14.37
N SER D 148 15.04 -5.76 13.81
CA SER D 148 16.32 -6.07 14.46
C SER D 148 16.48 -5.51 15.86
N THR D 149 16.00 -4.30 16.12
CA THR D 149 16.16 -3.71 17.44
C THR D 149 15.25 -4.40 18.47
N PHE D 150 14.06 -4.81 18.01
CA PHE D 150 13.04 -5.42 18.83
C PHE D 150 13.65 -6.70 19.42
N ASN D 151 14.46 -7.36 18.60
CA ASN D 151 15.15 -8.60 18.96
C ASN D 151 16.33 -8.48 19.94
N GLN D 152 16.61 -7.29 20.46
CA GLN D 152 17.69 -7.12 21.45
C GLN D 152 17.14 -6.57 22.77
N VAL D 153 15.81 -6.48 22.83
CA VAL D 153 15.17 -6.11 24.06
C VAL D 153 15.33 -7.31 25.00
N LYS D 154 15.47 -7.01 26.30
CA LYS D 154 15.62 -8.03 27.32
C LYS D 154 15.08 -7.60 28.70
N LEU D 155 14.63 -8.60 29.46
CA LEU D 155 14.19 -8.40 30.82
C LEU D 155 15.36 -8.01 31.73
N LYS D 156 15.06 -7.22 32.77
CA LYS D 156 15.99 -6.83 33.85
C LYS D 156 15.54 -5.47 34.41
S SO4 E . -1.65 -7.08 -14.00
O1 SO4 E . -1.09 -8.34 -13.59
O2 SO4 E . -2.54 -7.20 -15.17
O3 SO4 E . -2.42 -6.57 -12.87
O4 SO4 E . -0.52 -6.21 -14.32
S SO4 F . -17.24 -6.78 -14.99
O1 SO4 F . -17.10 -7.76 -13.92
O2 SO4 F . -18.33 -7.20 -15.84
O3 SO4 F . -17.51 -5.47 -14.41
O4 SO4 F . -16.01 -6.69 -15.77
S SO4 G . -24.73 -3.02 -10.48
O1 SO4 G . -23.96 -3.96 -11.29
O2 SO4 G . -26.07 -3.57 -10.33
O3 SO4 G . -24.15 -2.82 -9.15
O4 SO4 G . -24.75 -1.73 -11.17
S SO4 H . -0.09 -8.87 -30.20
O1 SO4 H . 1.17 -9.57 -30.51
O2 SO4 H . -0.89 -8.78 -31.42
O3 SO4 H . -0.84 -9.64 -29.22
O4 SO4 H . 0.18 -7.56 -29.62
S SO4 I . -13.37 -20.40 -0.87
O1 SO4 I . -12.09 -20.94 -0.49
O2 SO4 I . -14.40 -21.36 -0.83
O3 SO4 I . -13.56 -19.35 0.04
O4 SO4 I . -13.30 -19.92 -2.23
C1 CIT J . -16.13 -24.51 -12.82
O1 CIT J . -16.91 -24.97 -13.68
O2 CIT J . -16.36 -24.65 -11.60
C2 CIT J . -14.86 -23.79 -13.25
C3 CIT J . -13.60 -24.57 -12.86
O7 CIT J . -13.64 -25.94 -13.37
C4 CIT J . -12.40 -23.84 -13.45
C5 CIT J . -12.21 -24.25 -14.90
O3 CIT J . -12.94 -25.14 -15.42
O4 CIT J . -11.30 -23.69 -15.60
C6 CIT J . -13.48 -24.70 -11.32
O5 CIT J . -13.35 -25.86 -10.83
O6 CIT J . -13.54 -23.68 -10.57
S SO4 K . -9.00 0.92 -3.96
O1 SO4 K . -8.04 -0.10 -3.51
O2 SO4 K . -10.26 0.34 -4.46
O3 SO4 K . -9.28 1.77 -2.82
O4 SO4 K . -8.35 1.71 -5.02
S SO4 L . 8.34 -14.74 -0.13
O1 SO4 L . 9.19 -15.90 -0.33
O2 SO4 L . 7.40 -14.99 0.95
O3 SO4 L . 9.17 -13.59 0.24
O4 SO4 L . 7.65 -14.45 -1.38
S SO4 M . -2.73 -2.99 -2.38
O1 SO4 M . -2.68 -3.71 -3.66
O2 SO4 M . -3.62 -3.70 -1.44
O3 SO4 M . -1.37 -2.83 -1.85
O4 SO4 M . -3.28 -1.64 -2.59
C1 CIT N . -11.78 -16.92 10.38
O1 CIT N . -11.53 -17.10 11.58
O2 CIT N . -11.97 -17.94 9.65
C2 CIT N . -11.85 -15.51 9.88
C3 CIT N . -13.32 -15.21 9.53
O7 CIT N . -14.25 -15.48 10.63
C4 CIT N . -13.50 -13.77 9.16
C5 CIT N . -13.62 -13.06 10.52
O3 CIT N . -13.69 -13.64 11.64
O4 CIT N . -13.57 -11.85 10.56
C6 CIT N . -13.82 -16.14 8.45
O5 CIT N . -14.75 -16.95 8.78
O6 CIT N . -13.28 -16.15 7.31
S SO4 O . 6.74 9.68 -10.15
O1 SO4 O . 6.62 8.63 -11.16
O2 SO4 O . 5.41 10.30 -9.94
O3 SO4 O . 7.23 9.15 -8.88
O4 SO4 O . 7.71 10.63 -10.65
S SO4 P . 27.42 4.33 0.93
O1 SO4 P . 28.26 3.62 -0.04
O2 SO4 P . 26.07 3.76 0.85
O3 SO4 P . 27.94 4.12 2.28
O4 SO4 P . 27.42 5.75 0.59
S SO4 Q . 10.98 14.86 -25.35
O1 SO4 Q . 12.06 14.44 -24.46
O2 SO4 Q . 9.74 14.17 -24.98
O3 SO4 Q . 10.76 16.30 -25.24
O4 SO4 Q . 11.35 14.59 -26.75
S SO4 R . 12.17 19.48 8.88
O1 SO4 R . 10.77 19.67 8.71
O2 SO4 R . 12.57 20.11 7.65
O3 SO4 R . 12.64 20.12 10.08
O4 SO4 R . 12.58 18.16 9.06
C1 CIT S . 18.97 25.81 0.17
O1 CIT S . 20.08 26.34 -0.08
O2 CIT S . 18.62 25.64 1.36
C2 CIT S . 18.07 25.37 -0.97
C3 CIT S . 16.70 26.05 -0.89
O7 CIT S . 16.82 27.52 -0.98
C4 CIT S . 15.87 25.53 -2.07
C5 CIT S . 16.09 26.36 -3.31
O3 CIT S . 16.99 27.27 -3.43
O4 CIT S . 15.33 26.10 -4.26
C6 CIT S . 15.95 25.70 0.41
O5 CIT S . 15.48 26.67 1.10
O6 CIT S . 15.79 24.50 0.80
S SO4 T . -8.02 14.95 0.09
O1 SO4 T . -6.96 14.30 -0.69
O2 SO4 T . -9.07 14.00 0.41
O3 SO4 T . -7.47 15.47 1.33
O4 SO4 T . -8.58 16.05 -0.69
C1 CIT U . 6.25 13.55 17.63
O1 CIT U . 5.56 13.35 18.64
O2 CIT U . 6.60 14.73 17.27
C2 CIT U . 6.59 12.34 16.84
C3 CIT U . 8.07 11.97 17.04
O7 CIT U . 8.50 11.74 18.42
C4 CIT U . 8.27 10.62 16.40
C5 CIT U . 7.88 9.64 17.53
O3 CIT U . 7.48 9.87 18.73
O4 CIT U . 7.98 8.46 17.21
C6 CIT U . 8.98 13.05 16.48
O5 CIT U . 9.72 13.66 17.30
O6 CIT U . 8.98 13.36 15.28
#